data_4EVQ
#
_entry.id   4EVQ
#
_cell.length_a   52.428
_cell.length_b   183.940
_cell.length_c   76.084
_cell.angle_alpha   90.00
_cell.angle_beta   90.00
_cell.angle_gamma   90.00
#
_symmetry.space_group_name_H-M   'P 21 21 2'
#
loop_
_entity.id
_entity.type
_entity.pdbx_description
1 polymer 'Putative ABC transporter subunit, substrate-binding component'
2 non-polymer 'SULFATE ION'
3 non-polymer 'ACETATE ION'
4 non-polymer 'P-HYDROXYBENZOIC ACID'
5 non-polymer GLYCEROL
6 non-polymer 1,2-ETHANEDIOL
7 water water
#
_entity_poly.entity_id   1
_entity_poly.type   'polypeptide(L)'
_entity_poly.pdbx_seq_one_letter_code
;SNAGPFIRPSYAQAGALKVGLLLPYSGTYAPLGEAITRGLELYVQSQGGKLGGRSISFVKVDDESAPPKATELTTKLIQS
EKADVLIGTVHSGVA(MSE)A(MSE)VKIAREDGIPTIVPNAGADIITRA(MSE)CAPNVFRTSFANGQIGRATGDA
(MSE)IKAGLKKAVTVTWKYAAGEE(MSE)VSGFKKSFTAGKGEVVKDITIAFPDVEFQSALAEIASLKPDCVYAFFSGG
GALKFIKDYAAANLGIPLWGPGFLTDGVEAAAGPAGDGIKTVLHYVSDLDNAENQAFVKSFEAAYKIPPDVFAVQGWDAG
QLLDAGVKAVGGDVAKRKELNAA(MSE)AAASFASPRGPFKLSAAHNPVQNFYLRELKGGKSVNLGLAAPAVADEAIGCK
LS
;
_entity_poly.pdbx_strand_id   A,B
#
loop_
_chem_comp.id
_chem_comp.type
_chem_comp.name
_chem_comp.formula
ACT non-polymer 'ACETATE ION' 'C2 H3 O2 -1'
EDO non-polymer 1,2-ETHANEDIOL 'C2 H6 O2'
GOL non-polymer GLYCEROL 'C3 H8 O3'
PHB non-polymer 'P-HYDROXYBENZOIC ACID' 'C7 H6 O3'
SO4 non-polymer 'SULFATE ION' 'O4 S -2'
#
# COMPACT_ATOMS: atom_id res chain seq x y z
N GLY A 15 -5.55 13.52 23.25
CA GLY A 15 -5.81 12.85 21.97
C GLY A 15 -4.89 11.64 21.78
N ALA A 16 -5.03 10.95 20.67
CA ALA A 16 -4.14 9.83 20.36
C ALA A 16 -2.71 10.33 20.08
N LEU A 17 -1.72 9.52 20.47
CA LEU A 17 -0.33 9.74 20.09
C LEU A 17 -0.25 9.39 18.62
N LYS A 18 0.29 10.30 17.79
CA LYS A 18 0.38 10.06 16.36
C LYS A 18 1.73 9.49 16.03
N VAL A 19 1.71 8.26 15.59
CA VAL A 19 2.93 7.52 15.25
C VAL A 19 2.98 7.44 13.72
N GLY A 20 3.93 8.15 13.13
CA GLY A 20 4.11 8.11 11.71
C GLY A 20 4.89 6.89 11.30
N LEU A 21 4.36 6.12 10.36
CA LEU A 21 5.00 4.90 9.89
C LEU A 21 5.35 5.10 8.47
N LEU A 22 6.62 5.21 8.18
CA LEU A 22 7.10 5.30 6.81
C LEU A 22 7.67 3.95 6.43
N LEU A 23 6.95 3.23 5.59
CA LEU A 23 7.29 1.84 5.30
C LEU A 23 6.88 1.54 3.89
N PRO A 24 7.43 0.47 3.31
CA PRO A 24 6.98 0.04 1.98
C PRO A 24 5.66 -0.71 2.07
N TYR A 25 4.57 -0.07 1.64
CA TYR A 25 3.26 -0.74 1.59
C TYR A 25 2.94 -1.17 0.16
N SER A 26 3.85 -0.89 -0.76
CA SER A 26 3.76 -1.34 -2.14
C SER A 26 5.15 -1.73 -2.58
N GLY A 27 5.21 -2.40 -3.72
CA GLY A 27 6.45 -2.76 -4.36
C GLY A 27 7.14 -3.96 -3.73
N THR A 28 8.42 -4.05 -4.05
CA THR A 28 9.12 -5.29 -3.81
C THR A 28 9.22 -5.64 -2.31
N TYR A 29 9.22 -4.64 -1.45
CA TYR A 29 9.35 -4.88 -0.03
C TYR A 29 8.02 -4.76 0.73
N ALA A 30 6.91 -4.73 0.01
CA ALA A 30 5.61 -4.70 0.66
C ALA A 30 5.42 -5.79 1.77
N PRO A 31 5.89 -7.03 1.56
CA PRO A 31 5.69 -8.00 2.63
C PRO A 31 6.48 -7.69 3.90
N LEU A 32 7.60 -7.00 3.73
CA LEU A 32 8.40 -6.59 4.90
C LEU A 32 7.68 -5.44 5.62
N GLY A 33 7.15 -4.46 4.87
CA GLY A 33 6.37 -3.39 5.49
C GLY A 33 5.17 -3.93 6.23
N GLU A 34 4.49 -4.90 5.62
CA GLU A 34 3.37 -5.57 6.24
C GLU A 34 3.79 -6.28 7.55
N ALA A 35 4.87 -7.05 7.52
CA ALA A 35 5.32 -7.76 8.72
C ALA A 35 5.68 -6.82 9.88
N ILE A 36 6.39 -5.74 9.55
CA ILE A 36 6.77 -4.76 10.58
C ILE A 36 5.53 -4.12 11.18
N THR A 37 4.61 -3.73 10.32
CA THR A 37 3.38 -3.11 10.81
C THR A 37 2.57 -4.07 11.69
N ARG A 38 2.53 -5.33 11.29
CA ARG A 38 1.85 -6.36 12.09
C ARG A 38 2.49 -6.54 13.45
N GLY A 39 3.80 -6.61 13.48
CA GLY A 39 4.49 -6.72 14.76
C GLY A 39 4.19 -5.55 15.70
N LEU A 40 4.22 -4.35 15.16
N LEU A 40 4.25 -4.34 15.15
CA LEU A 40 3.97 -3.16 15.96
CA LEU A 40 3.92 -3.11 15.88
C LEU A 40 2.50 -3.09 16.43
C LEU A 40 2.50 -3.16 16.44
N GLU A 41 1.56 -3.40 15.54
CA GLU A 41 0.15 -3.37 15.90
C GLU A 41 -0.17 -4.47 16.91
N LEU A 42 0.42 -5.65 16.73
CA LEU A 42 0.18 -6.72 17.68
C LEU A 42 0.69 -6.33 19.06
N TYR A 43 1.85 -5.71 19.11
CA TYR A 43 2.34 -5.26 20.42
C TYR A 43 1.39 -4.27 21.05
N VAL A 44 0.95 -3.28 20.29
CA VAL A 44 0.01 -2.30 20.86
C VAL A 44 -1.24 -3.03 21.35
N GLN A 45 -1.76 -3.98 20.61
CA GLN A 45 -2.91 -4.76 21.05
C GLN A 45 -2.62 -5.52 22.33
N SER A 46 -1.43 -6.07 22.45
CA SER A 46 -1.05 -6.82 23.64
C SER A 46 -1.08 -5.94 24.88
N GLN A 47 -0.90 -4.63 24.69
CA GLN A 47 -0.96 -3.67 25.80
C GLN A 47 -2.32 -2.97 25.87
N GLY A 48 -3.35 -3.59 25.32
CA GLY A 48 -4.72 -3.09 25.47
C GLY A 48 -5.00 -1.89 24.58
N GLY A 49 -4.16 -1.72 23.57
CA GLY A 49 -4.38 -0.66 22.62
C GLY A 49 -3.69 0.65 22.96
N LYS A 50 -2.83 0.65 23.98
CA LYS A 50 -2.09 1.86 24.36
C LYS A 50 -0.59 1.64 24.48
N LEU A 51 0.17 2.73 24.40
CA LEU A 51 1.57 2.72 24.85
C LEU A 51 1.72 3.77 25.92
N GLY A 52 2.25 3.40 27.07
CA GLY A 52 2.40 4.34 28.18
C GLY A 52 1.12 5.11 28.48
N GLY A 53 -0.02 4.40 28.42
CA GLY A 53 -1.32 4.98 28.73
C GLY A 53 -1.95 5.75 27.58
N ARG A 54 -1.23 5.91 26.48
CA ARG A 54 -1.72 6.72 25.39
C ARG A 54 -2.28 5.89 24.28
N SER A 55 -3.46 6.27 23.81
CA SER A 55 -4.01 5.66 22.61
C SER A 55 -3.10 5.99 21.44
N ILE A 56 -3.06 5.09 20.47
CA ILE A 56 -2.14 5.23 19.37
C ILE A 56 -2.89 5.34 18.06
N SER A 57 -2.49 6.31 17.26
CA SER A 57 -2.98 6.42 15.89
C SER A 57 -1.78 6.29 14.94
N PHE A 58 -1.83 5.29 14.05
CA PHE A 58 -0.75 5.10 13.08
C PHE A 58 -1.08 5.83 11.80
N VAL A 59 -0.17 6.68 11.37
CA VAL A 59 -0.29 7.38 10.12
C VAL A 59 0.65 6.69 9.17
N LYS A 60 0.10 5.92 8.23
N LYS A 60 0.08 5.90 8.26
CA LYS A 60 0.91 5.02 7.41
CA LYS A 60 0.88 5.08 7.35
C LYS A 60 1.20 5.63 6.04
C LYS A 60 1.20 5.86 6.11
N VAL A 61 2.47 5.89 5.75
CA VAL A 61 2.89 6.53 4.52
C VAL A 61 3.74 5.53 3.76
N ASP A 62 3.33 5.24 2.54
CA ASP A 62 4.02 4.33 1.68
C ASP A 62 5.23 4.95 1.03
N ASP A 63 6.43 4.46 1.39
CA ASP A 63 7.66 5.02 0.85
C ASP A 63 8.05 4.44 -0.50
N GLU A 64 7.34 3.41 -0.95
CA GLU A 64 7.56 2.76 -2.26
C GLU A 64 8.99 2.23 -2.45
N SER A 65 9.74 2.12 -1.36
CA SER A 65 11.18 1.86 -1.44
C SER A 65 11.87 2.73 -2.46
N ALA A 66 11.51 4.02 -2.50
CA ALA A 66 11.99 4.96 -3.54
C ALA A 66 12.74 6.11 -2.92
N PRO A 67 14.07 6.02 -2.91
CA PRO A 67 14.82 7.11 -2.27
C PRO A 67 14.50 8.54 -2.79
N PRO A 68 14.15 8.71 -4.06
CA PRO A 68 13.85 10.06 -4.53
C PRO A 68 12.64 10.70 -3.85
N LYS A 69 11.77 9.89 -3.24
CA LYS A 69 10.61 10.44 -2.53
C LYS A 69 10.81 10.60 -1.03
N ALA A 70 11.94 10.11 -0.52
CA ALA A 70 12.12 9.99 0.90
C ALA A 70 12.07 11.33 1.62
N THR A 71 12.71 12.35 1.07
CA THR A 71 12.69 13.67 1.75
C THR A 71 11.30 14.23 1.86
N GLU A 72 10.55 14.17 0.77
CA GLU A 72 9.23 14.78 0.76
C GLU A 72 8.25 14.01 1.65
N LEU A 73 8.36 12.68 1.68
CA LEU A 73 7.49 11.88 2.54
C LEU A 73 7.81 12.04 4.01
N THR A 74 9.09 12.11 4.34
CA THR A 74 9.50 12.35 5.72
C THR A 74 9.05 13.73 6.19
N THR A 75 9.18 14.74 5.33
CA THR A 75 8.70 16.07 5.66
C THR A 75 7.19 16.08 5.87
N LYS A 76 6.43 15.41 5.00
CA LYS A 76 4.97 15.27 5.20
C LYS A 76 4.66 14.72 6.60
N LEU A 77 5.35 13.68 7.01
CA LEU A 77 5.05 13.04 8.28
C LEU A 77 5.40 13.94 9.46
N ILE A 78 6.56 14.60 9.41
CA ILE A 78 6.99 15.41 10.52
C ILE A 78 6.23 16.73 10.57
N GLN A 79 6.09 17.39 9.42
CA GLN A 79 5.50 18.73 9.39
C GLN A 79 3.99 18.68 9.18
N SER A 80 3.52 18.13 8.05
CA SER A 80 2.10 18.22 7.72
C SER A 80 1.20 17.37 8.64
N GLU A 81 1.65 16.15 8.91
CA GLU A 81 0.89 15.23 9.75
C GLU A 81 1.16 15.45 11.23
N LYS A 82 2.19 16.24 11.52
CA LYS A 82 2.61 16.53 12.91
C LYS A 82 2.76 15.26 13.74
N ALA A 83 3.52 14.29 13.22
CA ALA A 83 3.69 13.06 13.97
C ALA A 83 4.39 13.35 15.29
N ASP A 84 4.08 12.56 16.30
CA ASP A 84 4.75 12.65 17.58
C ASP A 84 6.00 11.78 17.62
N VAL A 85 5.97 10.72 16.82
CA VAL A 85 7.06 9.72 16.75
C VAL A 85 7.11 9.27 15.31
N LEU A 86 8.32 8.96 14.84
CA LEU A 86 8.53 8.48 13.49
C LEU A 86 9.17 7.08 13.50
N ILE A 87 8.53 6.16 12.82
CA ILE A 87 9.04 4.78 12.70
C ILE A 87 9.19 4.44 11.23
N GLY A 88 10.40 4.16 10.79
CA GLY A 88 10.64 3.72 9.42
C GLY A 88 12.13 3.63 9.19
N THR A 89 12.58 2.97 8.12
CA THR A 89 11.82 2.22 7.15
C THR A 89 12.57 0.93 6.82
N VAL A 90 12.26 0.29 5.70
CA VAL A 90 12.92 -0.94 5.24
C VAL A 90 14.15 -0.74 4.42
N HIS A 91 14.06 0.04 3.35
CA HIS A 91 15.13 0.22 2.37
C HIS A 91 16.16 1.23 2.87
N SER A 92 17.43 0.84 2.87
CA SER A 92 18.48 1.66 3.43
C SER A 92 18.64 3.01 2.77
N GLY A 93 18.42 3.09 1.46
CA GLY A 93 18.52 4.39 0.80
C GLY A 93 17.42 5.35 1.25
N VAL A 94 16.18 4.87 1.37
CA VAL A 94 15.12 5.72 1.92
C VAL A 94 15.43 6.10 3.35
N ALA A 95 15.85 5.12 4.15
CA ALA A 95 16.09 5.37 5.56
C ALA A 95 17.18 6.38 5.82
N MSE A 96 18.23 6.39 5.02
N MSE A 96 18.23 6.37 5.02
CA MSE A 96 19.30 7.36 5.30
CA MSE A 96 19.29 7.34 5.18
C MSE A 96 18.81 8.79 5.01
C MSE A 96 18.74 8.75 5.06
O MSE A 96 19.18 9.75 5.71
O MSE A 96 18.99 9.63 5.90
CB MSE A 96 20.59 7.01 4.56
CB MSE A 96 20.40 7.11 4.16
CG MSE A 96 20.53 7.12 3.10
CG MSE A 96 21.34 6.00 4.62
SE MSE A 96 22.28 6.61 2.37
SE MSE A 96 22.81 5.59 3.44
CE MSE A 96 22.29 4.73 2.73
CE MSE A 96 21.87 4.54 2.16
N ALA A 97 17.95 8.96 4.02
CA ALA A 97 17.39 10.27 3.75
C ALA A 97 16.41 10.67 4.84
N MSE A 98 15.67 9.72 5.35
CA MSE A 98 14.71 9.98 6.44
C MSE A 98 15.46 10.39 7.68
O MSE A 98 15.08 11.39 8.32
CB MSE A 98 13.88 8.71 6.70
CG MSE A 98 12.78 8.88 7.71
SE MSE A 98 12.19 7.22 8.54
CE MSE A 98 13.66 7.08 9.78
N VAL A 99 16.47 9.65 8.07
CA VAL A 99 17.21 9.94 9.28
C VAL A 99 17.95 11.26 9.16
N LYS A 100 18.39 11.66 7.97
CA LYS A 100 19.09 12.92 7.81
C LYS A 100 18.18 14.06 8.27
N ILE A 101 16.90 14.03 7.93
CA ILE A 101 15.95 15.03 8.40
C ILE A 101 15.58 14.83 9.85
N ALA A 102 15.26 13.62 10.25
CA ALA A 102 14.79 13.38 11.58
C ALA A 102 15.84 13.75 12.61
N ARG A 103 17.11 13.52 12.36
CA ARG A 103 18.14 13.83 13.32
C ARG A 103 18.24 15.34 13.58
N GLU A 104 17.87 16.17 12.62
CA GLU A 104 17.92 17.62 12.81
C GLU A 104 16.67 18.06 13.51
N ASP A 105 15.55 17.37 13.31
CA ASP A 105 14.29 17.81 13.88
C ASP A 105 14.16 17.48 15.37
N GLY A 106 14.64 16.33 15.78
CA GLY A 106 14.58 15.87 17.15
C GLY A 106 13.43 14.92 17.49
N ILE A 107 12.47 14.76 16.58
CA ILE A 107 11.39 13.83 16.80
C ILE A 107 11.93 12.41 17.16
N PRO A 108 11.31 11.74 18.16
CA PRO A 108 11.76 10.36 18.45
C PRO A 108 11.57 9.51 17.22
N THR A 109 12.64 8.82 16.85
CA THR A 109 12.72 8.08 15.56
C THR A 109 13.25 6.68 15.81
N ILE A 110 12.52 5.69 15.34
CA ILE A 110 12.94 4.30 15.46
C ILE A 110 12.98 3.67 14.06
N VAL A 111 14.14 3.14 13.71
CA VAL A 111 14.34 2.42 12.45
C VAL A 111 14.11 0.94 12.70
N PRO A 112 13.10 0.36 12.06
CA PRO A 112 12.68 -1.01 12.39
C PRO A 112 13.20 -2.06 11.38
N ASN A 113 14.01 -1.62 10.44
CA ASN A 113 14.68 -2.59 9.58
C ASN A 113 15.97 -2.08 8.92
N ALA A 114 15.88 -0.99 8.15
CA ALA A 114 17.01 -0.55 7.32
C ALA A 114 18.32 -0.67 8.04
N GLY A 115 19.25 -1.37 7.45
CA GLY A 115 20.55 -1.63 8.06
C GLY A 115 21.62 -0.64 7.79
N ALA A 116 21.31 0.45 7.10
CA ALA A 116 22.33 1.38 6.64
C ALA A 116 23.34 1.65 7.74
N ASP A 117 24.60 1.44 7.43
CA ASP A 117 25.67 1.58 8.44
C ASP A 117 25.70 2.97 9.02
N ILE A 118 25.40 3.98 8.21
CA ILE A 118 25.59 5.36 8.65
C ILE A 118 24.60 5.73 9.77
N ILE A 119 23.47 5.08 9.85
CA ILE A 119 22.43 5.49 10.80
C ILE A 119 22.91 5.44 12.24
N THR A 120 23.77 4.50 12.57
CA THR A 120 24.33 4.42 13.93
C THR A 120 25.85 4.61 13.91
N ARG A 121 26.29 5.36 12.91
CA ARG A 121 27.67 5.80 12.76
C ARG A 121 27.62 7.31 12.60
N ALA A 122 28.04 7.89 11.49
CA ALA A 122 28.05 9.37 11.37
C ALA A 122 26.70 10.08 11.55
N MSE A 123 25.59 9.41 11.25
CA MSE A 123 24.28 10.00 11.43
C MSE A 123 23.66 9.70 12.79
O MSE A 123 22.52 10.05 13.06
CB MSE A 123 23.28 9.53 10.36
CG MSE A 123 23.38 10.19 9.06
SE MSE A 123 21.76 9.76 7.93
CE MSE A 123 22.56 10.42 6.29
N CYS A 124 24.40 9.08 13.70
CA CYS A 124 23.83 8.79 15.01
C CYS A 124 23.38 10.07 15.68
N ALA A 125 22.36 9.95 16.51
CA ALA A 125 21.78 11.14 17.16
C ALA A 125 21.03 10.72 18.40
N PRO A 126 20.79 11.69 19.31
CA PRO A 126 20.12 11.32 20.57
C PRO A 126 18.70 10.83 20.37
N ASN A 127 18.06 11.21 19.25
CA ASN A 127 16.67 10.82 18.97
C ASN A 127 16.50 9.68 17.97
N VAL A 128 17.59 9.07 17.53
CA VAL A 128 17.52 8.03 16.49
C VAL A 128 17.95 6.72 17.08
N PHE A 129 17.07 5.73 16.93
CA PHE A 129 17.23 4.39 17.48
C PHE A 129 17.01 3.36 16.39
N ARG A 130 17.58 2.19 16.55
CA ARG A 130 17.36 1.09 15.59
C ARG A 130 17.01 -0.15 16.38
N THR A 131 15.99 -0.88 15.92
CA THR A 131 15.61 -2.14 16.53
C THR A 131 16.00 -3.38 15.69
N SER A 132 16.72 -3.14 14.61
CA SER A 132 17.03 -4.23 13.68
C SER A 132 18.48 -4.69 13.80
N PHE A 133 19.40 -4.10 13.03
CA PHE A 133 20.78 -4.56 12.83
C PHE A 133 21.47 -3.51 12.00
N ALA A 134 22.79 -3.63 11.88
CA ALA A 134 23.58 -2.91 10.92
C ALA A 134 24.08 -3.83 9.83
N ASN A 135 24.05 -3.35 8.60
CA ASN A 135 24.41 -4.14 7.43
C ASN A 135 25.80 -4.73 7.52
N GLY A 136 26.79 -3.92 7.87
CA GLY A 136 28.15 -4.44 7.85
C GLY A 136 28.34 -5.47 8.95
N GLN A 137 27.71 -5.25 10.09
CA GLN A 137 27.87 -6.22 11.17
C GLN A 137 27.28 -7.60 10.86
N ILE A 138 26.11 -7.64 10.27
CA ILE A 138 25.54 -8.92 9.93
C ILE A 138 26.32 -9.56 8.76
N GLY A 139 26.77 -8.76 7.83
CA GLY A 139 27.62 -9.33 6.76
C GLY A 139 28.90 -9.96 7.32
N ARG A 140 29.55 -9.24 8.24
CA ARG A 140 30.75 -9.76 8.90
C ARG A 140 30.47 -11.08 9.63
N ALA A 141 29.34 -11.15 10.33
CA ALA A 141 29.01 -12.35 11.07
C ALA A 141 28.80 -13.53 10.13
N THR A 142 28.20 -13.29 8.97
CA THR A 142 27.95 -14.34 8.02
C THR A 142 29.27 -14.81 7.42
N GLY A 143 30.13 -13.88 7.02
CA GLY A 143 31.44 -14.27 6.51
C GLY A 143 32.29 -15.06 7.50
N ASP A 144 32.24 -14.65 8.77
CA ASP A 144 33.01 -15.37 9.78
C ASP A 144 32.47 -16.79 9.96
N ALA A 145 31.15 -16.97 9.92
CA ALA A 145 30.57 -18.31 10.02
C ALA A 145 30.98 -19.19 8.84
N MSE A 146 31.11 -18.59 7.67
CA MSE A 146 31.51 -19.33 6.49
C MSE A 146 32.97 -19.77 6.62
O MSE A 146 33.32 -20.89 6.21
CB MSE A 146 31.23 -18.49 5.23
CG MSE A 146 29.75 -18.34 5.02
SE MSE A 146 29.19 -16.94 3.81
CE MSE A 146 29.74 -17.85 2.20
N ILE A 147 33.83 -18.89 7.11
CA ILE A 147 35.23 -19.30 7.35
C ILE A 147 35.25 -20.43 8.36
N LYS A 148 34.47 -20.31 9.43
CA LYS A 148 34.47 -21.34 10.47
C LYS A 148 34.00 -22.67 9.90
N ALA A 149 33.14 -22.62 8.87
CA ALA A 149 32.64 -23.81 8.19
C ALA A 149 33.67 -24.40 7.20
N GLY A 150 34.80 -23.75 7.00
CA GLY A 150 35.83 -24.27 6.11
C GLY A 150 35.74 -23.84 4.65
N LEU A 151 34.90 -22.85 4.36
CA LEU A 151 34.77 -22.34 3.01
C LEU A 151 35.88 -21.34 2.69
N LYS A 152 36.25 -21.28 1.40
CA LYS A 152 37.47 -20.61 1.01
C LYS A 152 37.38 -19.77 -0.27
N LYS A 153 36.32 -19.93 -1.05
CA LYS A 153 36.30 -19.37 -2.40
C LYS A 153 34.86 -18.97 -2.75
N ALA A 154 34.53 -17.69 -2.52
CA ALA A 154 33.15 -17.25 -2.61
C ALA A 154 32.88 -16.41 -3.82
N VAL A 155 31.65 -16.48 -4.30
CA VAL A 155 31.10 -15.45 -5.17
C VAL A 155 29.94 -14.80 -4.42
N THR A 156 29.82 -13.46 -4.51
CA THR A 156 28.70 -12.77 -3.91
C THR A 156 27.71 -12.32 -4.99
N VAL A 157 26.43 -12.30 -4.65
CA VAL A 157 25.43 -11.79 -5.57
C VAL A 157 24.36 -11.03 -4.75
N THR A 158 24.01 -9.85 -5.23
CA THR A 158 23.04 -9.03 -4.50
C THR A 158 22.53 -7.95 -5.43
N TRP A 159 21.63 -7.13 -4.90
CA TRP A 159 21.13 -5.97 -5.59
C TRP A 159 22.08 -4.78 -5.44
N LYS A 160 22.13 -3.96 -6.49
CA LYS A 160 22.99 -2.81 -6.57
C LYS A 160 22.35 -1.59 -5.87
N TYR A 161 22.38 -1.62 -4.55
CA TYR A 161 22.02 -0.46 -3.76
C TYR A 161 22.73 -0.61 -2.42
N ALA A 162 22.57 0.39 -1.55
CA ALA A 162 23.37 0.48 -0.33
C ALA A 162 23.38 -0.76 0.52
N ALA A 163 22.22 -1.38 0.73
CA ALA A 163 22.18 -2.47 1.65
C ALA A 163 22.95 -3.65 1.11
N GLY A 164 22.78 -3.94 -0.16
CA GLY A 164 23.53 -5.04 -0.75
C GLY A 164 25.02 -4.73 -0.73
N GLU A 165 25.40 -3.52 -1.06
CA GLU A 165 26.82 -3.14 -1.10
C GLU A 165 27.40 -3.28 0.29
N GLU A 166 26.68 -2.83 1.31
CA GLU A 166 27.25 -2.86 2.66
C GLU A 166 27.31 -4.24 3.27
N MSE A 167 26.29 -5.05 3.03
CA MSE A 167 26.33 -6.42 3.52
C MSE A 167 27.39 -7.25 2.81
O MSE A 167 28.02 -8.11 3.42
CB MSE A 167 24.97 -7.07 3.41
CG MSE A 167 23.98 -6.58 4.45
SE MSE A 167 22.37 -7.60 4.56
CE MSE A 167 21.14 -6.29 4.04
N VAL A 168 27.62 -6.99 1.52
CA VAL A 168 28.72 -7.68 0.82
C VAL A 168 30.04 -7.17 1.36
N SER A 169 30.16 -5.88 1.61
CA SER A 169 31.43 -5.33 2.14
C SER A 169 31.80 -5.94 3.47
N GLY A 170 30.84 -6.08 4.38
CA GLY A 170 31.11 -6.70 5.67
C GLY A 170 31.52 -8.15 5.52
N PHE A 171 30.79 -8.88 4.71
CA PHE A 171 31.12 -10.25 4.44
C PHE A 171 32.57 -10.35 3.92
N LYS A 172 32.92 -9.52 2.96
CA LYS A 172 34.23 -9.62 2.31
C LYS A 172 35.31 -9.36 3.35
N LYS A 173 35.10 -8.41 4.24
CA LYS A 173 36.09 -8.13 5.26
C LYS A 173 36.35 -9.31 6.13
N SER A 174 35.33 -9.97 6.62
N SER A 174 35.35 -9.99 6.62
CA SER A 174 35.57 -11.11 7.48
CA SER A 174 35.60 -11.12 7.50
C SER A 174 36.13 -12.25 6.69
C SER A 174 35.99 -12.39 6.77
N PHE A 175 35.57 -12.52 5.53
CA PHE A 175 35.95 -13.68 4.75
C PHE A 175 37.40 -13.59 4.33
N THR A 176 37.82 -12.42 3.88
CA THR A 176 39.21 -12.26 3.50
C THR A 176 40.15 -12.18 4.72
N ALA A 177 39.71 -11.63 5.86
CA ALA A 177 40.54 -11.66 7.08
C ALA A 177 40.78 -13.10 7.47
N GLY A 178 39.83 -13.98 7.26
CA GLY A 178 39.99 -15.39 7.55
C GLY A 178 40.69 -16.17 6.45
N LYS A 179 41.25 -15.43 5.46
CA LYS A 179 42.08 -15.95 4.35
C LYS A 179 41.30 -16.66 3.27
N GLY A 180 39.98 -16.43 3.28
CA GLY A 180 39.17 -16.78 2.13
C GLY A 180 39.39 -15.82 0.99
N GLU A 181 38.98 -16.23 -0.20
CA GLU A 181 39.03 -15.38 -1.37
C GLU A 181 37.63 -15.16 -1.91
N VAL A 182 37.34 -13.93 -2.30
CA VAL A 182 36.06 -13.60 -2.95
C VAL A 182 36.44 -13.39 -4.40
N VAL A 183 36.02 -14.30 -5.27
CA VAL A 183 36.50 -14.27 -6.65
C VAL A 183 35.69 -13.37 -7.58
N LYS A 184 34.49 -12.99 -7.14
CA LYS A 184 33.66 -12.10 -7.93
C LYS A 184 32.53 -11.58 -7.08
N ASP A 185 32.18 -10.32 -7.28
CA ASP A 185 30.96 -9.74 -6.73
C ASP A 185 30.04 -9.41 -7.91
N ILE A 186 28.91 -10.09 -7.97
CA ILE A 186 27.95 -9.87 -9.04
C ILE A 186 26.81 -9.02 -8.45
N THR A 187 26.36 -8.03 -9.22
CA THR A 187 25.22 -7.26 -8.84
C THR A 187 24.13 -7.30 -9.91
N ILE A 188 22.93 -7.07 -9.43
CA ILE A 188 21.71 -7.09 -10.18
C ILE A 188 21.06 -5.74 -9.91
N ALA A 189 20.48 -5.05 -10.91
CA ALA A 189 19.80 -3.78 -10.63
C ALA A 189 18.61 -4.00 -9.70
N PHE A 190 18.37 -3.11 -8.74
CA PHE A 190 17.26 -3.27 -7.79
C PHE A 190 15.96 -2.75 -8.42
N PRO A 191 14.86 -3.51 -8.33
CA PRO A 191 14.65 -4.84 -7.76
C PRO A 191 14.46 -5.91 -8.85
N ASP A 192 15.36 -5.96 -9.81
CA ASP A 192 15.24 -6.95 -10.88
C ASP A 192 15.38 -8.36 -10.32
N VAL A 193 14.71 -9.31 -10.96
CA VAL A 193 14.73 -10.70 -10.54
C VAL A 193 15.09 -11.64 -11.69
N GLU A 194 15.84 -11.13 -12.65
CA GLU A 194 16.40 -12.00 -13.70
C GLU A 194 17.76 -12.45 -13.24
N PHE A 195 17.81 -13.70 -12.80
CA PHE A 195 18.98 -14.22 -12.16
C PHE A 195 19.76 -15.25 -12.94
N GLN A 196 19.22 -15.71 -14.06
N GLN A 196 19.22 -15.73 -14.05
CA GLN A 196 19.82 -16.86 -14.75
CA GLN A 196 19.87 -16.88 -14.71
C GLN A 196 21.24 -16.60 -15.24
C GLN A 196 21.28 -16.58 -15.20
N SER A 197 21.52 -15.40 -15.75
CA SER A 197 22.86 -15.12 -16.20
C SER A 197 23.86 -15.05 -15.03
N ALA A 198 23.43 -14.53 -13.88
CA ALA A 198 24.30 -14.56 -12.73
C ALA A 198 24.61 -15.97 -12.27
N LEU A 199 23.62 -16.86 -12.34
CA LEU A 199 23.82 -18.25 -11.99
C LEU A 199 24.78 -18.96 -12.97
N ALA A 200 24.69 -18.64 -14.26
CA ALA A 200 25.63 -19.19 -15.22
C ALA A 200 27.04 -18.69 -14.96
N GLU A 201 27.18 -17.43 -14.58
CA GLU A 201 28.48 -16.90 -14.22
C GLU A 201 29.03 -17.57 -12.99
N ILE A 202 28.21 -17.71 -11.96
CA ILE A 202 28.61 -18.46 -10.77
C ILE A 202 29.12 -19.85 -11.12
N ALA A 203 28.36 -20.60 -11.95
CA ALA A 203 28.86 -21.93 -12.32
C ALA A 203 30.25 -21.87 -12.95
N SER A 204 30.45 -20.91 -13.83
CA SER A 204 31.70 -20.81 -14.56
C SER A 204 32.87 -20.50 -13.65
N LEU A 205 32.61 -19.82 -12.54
CA LEU A 205 33.67 -19.39 -11.62
C LEU A 205 34.06 -20.48 -10.63
N LYS A 206 33.24 -21.52 -10.51
CA LYS A 206 33.50 -22.68 -9.66
C LYS A 206 33.89 -22.32 -8.22
N PRO A 207 33.10 -21.45 -7.57
CA PRO A 207 33.35 -21.21 -6.16
C PRO A 207 32.95 -22.39 -5.28
N ASP A 208 33.38 -22.39 -4.03
CA ASP A 208 32.88 -23.37 -3.08
C ASP A 208 31.69 -22.92 -2.25
N CYS A 209 31.25 -21.70 -2.51
CA CYS A 209 30.03 -21.18 -1.89
C CYS A 209 29.60 -19.90 -2.60
N VAL A 210 28.34 -19.56 -2.37
CA VAL A 210 27.74 -18.31 -2.81
C VAL A 210 27.15 -17.61 -1.59
N TYR A 211 27.44 -16.31 -1.51
CA TYR A 211 26.84 -15.42 -0.51
C TYR A 211 25.87 -14.50 -1.24
N ALA A 212 24.59 -14.53 -0.84
CA ALA A 212 23.57 -13.73 -1.51
C ALA A 212 22.76 -12.93 -0.50
N PHE A 213 22.50 -11.70 -0.89
CA PHE A 213 21.51 -10.88 -0.19
C PHE A 213 20.40 -10.50 -1.16
N PHE A 214 19.23 -11.05 -0.87
CA PHE A 214 17.95 -10.63 -1.49
C PHE A 214 16.95 -10.78 -0.35
N SER A 215 15.76 -10.19 -0.50
CA SER A 215 14.74 -10.29 0.51
C SER A 215 13.38 -10.07 -0.15
N GLY A 216 12.35 -10.69 0.39
CA GLY A 216 11.00 -10.59 -0.18
C GLY A 216 10.82 -11.55 -1.31
N GLY A 217 9.89 -11.23 -2.19
CA GLY A 217 9.57 -12.13 -3.30
C GLY A 217 10.77 -12.33 -4.19
N GLY A 218 11.68 -11.39 -4.25
CA GLY A 218 12.90 -11.54 -5.05
C GLY A 218 13.77 -12.63 -4.47
N ALA A 219 13.82 -12.74 -3.14
CA ALA A 219 14.56 -13.83 -2.50
C ALA A 219 13.92 -15.19 -2.80
N LEU A 220 12.62 -15.27 -2.76
CA LEU A 220 11.94 -16.52 -3.14
C LEU A 220 12.33 -16.95 -4.54
N LYS A 221 12.28 -16.03 -5.47
CA LYS A 221 12.63 -16.34 -6.85
C LYS A 221 14.07 -16.74 -6.96
N PHE A 222 14.95 -16.08 -6.27
CA PHE A 222 16.37 -16.41 -6.30
C PHE A 222 16.57 -17.82 -5.81
N ILE A 223 15.96 -18.18 -4.71
CA ILE A 223 16.10 -19.52 -4.14
C ILE A 223 15.64 -20.57 -5.13
N LYS A 224 14.50 -20.36 -5.76
N LYS A 224 14.48 -20.35 -5.74
CA LYS A 224 14.00 -21.35 -6.69
CA LYS A 224 13.93 -21.27 -6.73
C LYS A 224 14.86 -21.42 -7.93
C LYS A 224 14.86 -21.40 -7.92
N ASP A 225 15.32 -20.28 -8.44
CA ASP A 225 16.17 -20.28 -9.63
C ASP A 225 17.52 -20.93 -9.29
N TYR A 226 18.08 -20.63 -8.14
CA TYR A 226 19.38 -21.18 -7.73
C TYR A 226 19.30 -22.71 -7.66
N ALA A 227 18.26 -23.25 -7.04
CA ALA A 227 18.09 -24.69 -6.91
C ALA A 227 17.93 -25.27 -8.31
N ALA A 228 17.20 -24.62 -9.19
CA ALA A 228 16.95 -25.20 -10.51
C ALA A 228 18.18 -25.24 -11.35
N ALA A 229 19.18 -24.44 -11.05
CA ALA A 229 20.45 -24.45 -11.76
C ALA A 229 21.34 -25.64 -11.41
N ASN A 230 21.01 -26.38 -10.36
N ASN A 230 20.97 -26.37 -10.36
CA ASN A 230 21.74 -27.62 -10.07
CA ASN A 230 21.71 -27.58 -9.97
C ASN A 230 23.26 -27.40 -9.97
C ASN A 230 23.22 -27.36 -9.99
N LEU A 231 23.65 -26.44 -9.15
CA LEU A 231 25.00 -25.93 -9.15
C LEU A 231 25.96 -26.79 -8.33
N GLY A 232 25.43 -27.56 -7.38
CA GLY A 232 26.27 -28.30 -6.45
C GLY A 232 27.19 -27.42 -5.62
N ILE A 233 26.71 -26.20 -5.33
CA ILE A 233 27.46 -25.22 -4.55
C ILE A 233 26.56 -24.69 -3.42
N PRO A 234 27.03 -24.70 -2.18
CA PRO A 234 26.15 -24.27 -1.08
C PRO A 234 25.91 -22.78 -1.08
N LEU A 235 24.63 -22.47 -0.85
CA LEU A 235 24.12 -21.09 -0.73
C LEU A 235 24.04 -20.66 0.71
N TRP A 236 24.58 -19.48 0.92
CA TRP A 236 24.58 -18.79 2.20
C TRP A 236 24.11 -17.35 2.03
N GLY A 237 23.66 -16.75 3.13
CA GLY A 237 23.41 -15.31 3.14
C GLY A 237 23.04 -14.86 4.52
N PRO A 238 22.94 -13.54 4.68
CA PRO A 238 22.21 -13.06 5.86
C PRO A 238 20.80 -13.60 5.83
N GLY A 239 20.15 -13.73 6.98
CA GLY A 239 18.89 -14.42 7.05
C GLY A 239 17.70 -13.80 6.37
N PHE A 240 17.85 -12.57 5.93
CA PHE A 240 16.84 -11.95 5.08
C PHE A 240 16.59 -12.77 3.82
N LEU A 241 17.60 -13.54 3.39
CA LEU A 241 17.50 -14.33 2.16
C LEU A 241 16.40 -15.37 2.29
N THR A 242 16.10 -15.88 3.49
CA THR A 242 15.08 -16.90 3.67
C THR A 242 13.87 -16.48 4.48
N ASP A 243 14.01 -15.43 5.31
CA ASP A 243 12.90 -15.11 6.18
C ASP A 243 11.65 -14.66 5.42
N GLY A 244 10.53 -15.31 5.72
CA GLY A 244 9.27 -15.00 5.10
C GLY A 244 8.93 -15.79 3.87
N VAL A 245 9.90 -16.52 3.30
CA VAL A 245 9.71 -17.21 2.02
C VAL A 245 9.94 -18.68 2.16
N GLU A 246 10.08 -19.19 3.36
CA GLU A 246 10.45 -20.60 3.61
C GLU A 246 9.42 -21.57 3.11
N ALA A 247 8.14 -21.34 3.34
CA ALA A 247 7.12 -22.31 2.98
C ALA A 247 7.01 -22.35 1.46
N ALA A 248 6.99 -21.18 0.84
CA ALA A 248 6.77 -21.13 -0.60
C ALA A 248 7.96 -21.67 -1.37
N ALA A 249 9.15 -21.60 -0.79
CA ALA A 249 10.33 -22.11 -1.47
C ALA A 249 10.31 -23.62 -1.57
N GLY A 250 9.64 -24.30 -0.66
CA GLY A 250 9.57 -25.75 -0.76
C GLY A 250 10.95 -26.40 -0.68
N PRO A 251 11.13 -27.55 -1.35
CA PRO A 251 12.41 -28.22 -1.31
C PRO A 251 13.57 -27.44 -1.84
N ALA A 252 13.32 -26.47 -2.70
CA ALA A 252 14.42 -25.63 -3.20
C ALA A 252 15.17 -24.92 -2.06
N GLY A 253 14.47 -24.63 -0.97
CA GLY A 253 15.10 -23.94 0.15
C GLY A 253 15.95 -24.85 1.04
N ASP A 254 15.72 -26.15 1.03
CA ASP A 254 16.33 -26.99 2.03
C ASP A 254 17.84 -26.94 1.88
N GLY A 255 18.49 -26.73 3.02
CA GLY A 255 19.93 -26.73 3.14
C GLY A 255 20.61 -25.37 3.03
N ILE A 256 19.85 -24.33 2.71
CA ILE A 256 20.44 -22.99 2.70
C ILE A 256 20.86 -22.61 4.12
N LYS A 257 22.04 -22.05 4.24
CA LYS A 257 22.57 -21.65 5.53
C LYS A 257 22.52 -20.11 5.63
N THR A 258 22.09 -19.60 6.78
CA THR A 258 22.04 -18.17 6.97
C THR A 258 22.47 -17.81 8.39
N VAL A 259 22.81 -16.54 8.55
CA VAL A 259 23.07 -15.98 9.88
C VAL A 259 22.08 -14.86 10.13
N LEU A 260 21.45 -14.87 11.29
CA LEU A 260 20.47 -13.84 11.62
C LEU A 260 20.35 -13.73 13.13
N HIS A 261 19.90 -12.56 13.55
CA HIS A 261 19.61 -12.24 14.94
C HIS A 261 18.28 -12.78 15.46
N TYR A 262 17.56 -13.55 14.66
CA TYR A 262 16.33 -14.20 15.10
C TYR A 262 16.21 -15.57 14.44
N VAL A 263 15.66 -16.53 15.18
CA VAL A 263 15.26 -17.82 14.63
C VAL A 263 13.93 -18.14 15.29
N SER A 264 12.96 -18.69 14.55
CA SER A 264 11.63 -18.78 15.12
C SER A 264 11.54 -19.78 16.24
N ASP A 265 12.49 -20.70 16.32
CA ASP A 265 12.49 -21.72 17.35
C ASP A 265 13.15 -21.32 18.65
N LEU A 266 13.54 -20.05 18.80
CA LEU A 266 14.16 -19.64 20.05
C LEU A 266 13.21 -19.94 21.21
N ASP A 267 13.70 -20.54 22.28
N ASP A 267 13.75 -20.56 22.25
CA ASP A 267 12.82 -21.13 23.29
CA ASP A 267 12.97 -20.95 23.41
C ASP A 267 12.44 -20.22 24.44
C ASP A 267 13.20 -19.94 24.53
N ASN A 268 12.89 -18.98 24.44
N ASN A 268 12.62 -18.78 24.34
CA ASN A 268 12.53 -18.07 25.52
CA ASN A 268 12.47 -17.86 25.45
C ASN A 268 11.01 -17.72 25.60
C ASN A 268 11.00 -17.51 25.54
N ALA A 269 10.57 -17.22 26.76
CA ALA A 269 9.15 -17.03 27.03
C ALA A 269 8.52 -15.96 26.12
N GLU A 270 9.28 -14.92 25.83
CA GLU A 270 8.79 -13.83 25.02
C GLU A 270 8.51 -14.32 23.61
N ASN A 271 9.43 -15.08 23.05
CA ASN A 271 9.21 -15.65 21.72
C ASN A 271 8.06 -16.62 21.69
N GLN A 272 7.94 -17.47 22.72
CA GLN A 272 6.87 -18.43 22.68
C GLN A 272 5.52 -17.72 22.67
N ALA A 273 5.39 -16.67 23.47
CA ALA A 273 4.11 -15.98 23.56
C ALA A 273 3.83 -15.17 22.29
N PHE A 274 4.88 -14.56 21.77
CA PHE A 274 4.77 -13.77 20.55
C PHE A 274 4.38 -14.63 19.34
N VAL A 275 5.06 -15.75 19.18
CA VAL A 275 4.75 -16.64 18.05
C VAL A 275 3.30 -17.07 18.17
N LYS A 276 2.88 -17.45 19.38
CA LYS A 276 1.47 -17.91 19.57
C LYS A 276 0.47 -16.82 19.20
N SER A 277 0.73 -15.62 19.70
N SER A 277 0.71 -15.61 19.71
CA SER A 277 -0.16 -14.46 19.45
CA SER A 277 -0.21 -14.51 19.42
C SER A 277 -0.19 -14.05 17.98
C SER A 277 -0.20 -14.17 17.94
N PHE A 278 0.98 -14.06 17.35
CA PHE A 278 1.10 -13.67 15.96
C PHE A 278 0.40 -14.69 15.04
N GLU A 279 0.61 -15.97 15.30
CA GLU A 279 -0.03 -17.02 14.50
C GLU A 279 -1.54 -16.97 14.67
N ALA A 280 -2.00 -16.73 15.90
CA ALA A 280 -3.45 -16.62 16.11
C ALA A 280 -4.06 -15.46 15.31
N ALA A 281 -3.34 -14.34 15.22
CA ALA A 281 -3.86 -13.16 14.55
C ALA A 281 -3.74 -13.23 13.03
N TYR A 282 -2.62 -13.79 12.56
CA TYR A 282 -2.25 -13.66 11.16
C TYR A 282 -2.08 -14.99 10.41
N LYS A 283 -2.09 -16.12 11.12
CA LYS A 283 -2.09 -17.48 10.52
C LYS A 283 -0.81 -17.88 9.77
N ILE A 284 0.27 -17.13 10.00
CA ILE A 284 1.59 -17.49 9.56
C ILE A 284 2.54 -17.17 10.70
N PRO A 285 3.69 -17.82 10.72
CA PRO A 285 4.68 -17.46 11.75
C PRO A 285 5.19 -16.05 11.53
N PRO A 286 5.57 -15.38 12.64
CA PRO A 286 6.30 -14.13 12.47
C PRO A 286 7.71 -14.38 11.99
N ASP A 287 8.24 -13.48 11.17
CA ASP A 287 9.65 -13.51 10.80
C ASP A 287 10.39 -12.37 11.46
N VAL A 288 11.64 -12.19 11.08
CA VAL A 288 12.50 -11.19 11.74
C VAL A 288 11.92 -9.80 11.63
N PHE A 289 11.25 -9.49 10.53
CA PHE A 289 10.69 -8.16 10.32
C PHE A 289 9.59 -7.91 11.30
N ALA A 290 8.72 -8.90 11.53
CA ALA A 290 7.70 -8.78 12.56
C ALA A 290 8.30 -8.61 13.95
N VAL A 291 9.37 -9.31 14.27
CA VAL A 291 10.04 -9.14 15.54
C VAL A 291 10.54 -7.73 15.69
N GLN A 292 11.17 -7.18 14.66
CA GLN A 292 11.71 -5.85 14.70
C GLN A 292 10.62 -4.80 14.91
N GLY A 293 9.46 -5.00 14.35
CA GLY A 293 8.31 -4.12 14.58
C GLY A 293 7.78 -4.24 15.98
N TRP A 294 7.62 -5.44 16.45
CA TRP A 294 7.21 -5.66 17.83
C TRP A 294 8.14 -4.96 18.79
N ASP A 295 9.43 -5.08 18.58
CA ASP A 295 10.38 -4.47 19.48
C ASP A 295 10.45 -2.97 19.35
N ALA A 296 10.15 -2.43 18.19
CA ALA A 296 9.96 -0.99 18.07
C ALA A 296 8.82 -0.57 18.99
N GLY A 297 7.76 -1.37 19.06
CA GLY A 297 6.66 -1.12 20.00
C GLY A 297 7.13 -1.19 21.42
N GLN A 298 7.91 -2.19 21.80
CA GLN A 298 8.42 -2.24 23.17
C GLN A 298 9.33 -1.07 23.51
N LEU A 299 10.17 -0.65 22.58
CA LEU A 299 11.08 0.45 22.83
C LEU A 299 10.28 1.75 23.00
N LEU A 300 9.32 2.01 22.11
CA LEU A 300 8.48 3.17 22.26
C LEU A 300 7.73 3.12 23.55
N ASP A 301 7.18 1.99 23.94
CA ASP A 301 6.47 1.89 25.21
C ASP A 301 7.37 2.31 26.36
N ALA A 302 8.62 1.90 26.36
CA ALA A 302 9.56 2.24 27.41
C ALA A 302 9.72 3.76 27.47
N GLY A 303 9.85 4.40 26.32
CA GLY A 303 10.03 5.84 26.26
C GLY A 303 8.79 6.56 26.77
N VAL A 304 7.62 6.21 26.28
CA VAL A 304 6.38 6.89 26.65
C VAL A 304 6.06 6.66 28.13
N LYS A 305 6.28 5.46 28.66
CA LYS A 305 6.05 5.22 30.08
C LYS A 305 6.96 6.09 30.94
N ALA A 306 8.21 6.28 30.52
CA ALA A 306 9.18 7.04 31.33
C ALA A 306 8.78 8.49 31.44
N VAL A 307 8.00 9.00 30.48
CA VAL A 307 7.52 10.39 30.60
C VAL A 307 6.03 10.49 30.94
N GLY A 308 5.49 9.40 31.47
CA GLY A 308 4.12 9.40 31.94
C GLY A 308 3.12 9.80 30.86
N GLY A 309 3.41 9.47 29.60
CA GLY A 309 2.51 9.76 28.49
C GLY A 309 2.71 11.12 27.85
N ASP A 310 3.54 11.96 28.46
CA ASP A 310 3.74 13.31 27.96
C ASP A 310 4.86 13.40 26.91
N VAL A 311 4.47 13.31 25.65
CA VAL A 311 5.48 13.14 24.61
C VAL A 311 6.06 14.47 24.18
N ALA A 312 5.58 15.54 24.80
CA ALA A 312 6.21 16.85 24.66
C ALA A 312 7.61 16.79 25.25
N LYS A 313 7.80 15.90 26.23
CA LYS A 313 9.09 15.73 26.88
C LYS A 313 10.01 14.83 26.03
N ARG A 314 10.37 15.32 24.83
CA ARG A 314 11.09 14.53 23.83
C ARG A 314 12.46 14.11 24.32
N LYS A 315 13.19 15.01 24.96
N LYS A 315 13.20 15.01 24.95
CA LYS A 315 14.54 14.71 25.41
CA LYS A 315 14.55 14.69 25.41
C LYS A 315 14.54 13.55 26.42
C LYS A 315 14.54 13.54 26.41
N GLU A 316 13.60 13.61 27.33
CA GLU A 316 13.46 12.61 28.35
C GLU A 316 12.96 11.28 27.77
N LEU A 317 12.00 11.36 26.86
CA LEU A 317 11.52 10.19 26.18
C LEU A 317 12.68 9.48 25.43
N ASN A 318 13.47 10.23 24.68
CA ASN A 318 14.58 9.65 23.93
C ASN A 318 15.63 9.08 24.87
N ALA A 319 15.90 9.78 25.99
CA ALA A 319 16.94 9.26 26.90
C ALA A 319 16.48 7.92 27.51
N ALA A 320 15.18 7.81 27.77
CA ALA A 320 14.66 6.57 28.31
C ALA A 320 14.77 5.42 27.32
N MSE A 321 14.53 5.70 26.04
CA MSE A 321 14.72 4.67 25.04
C MSE A 321 16.17 4.25 24.95
O MSE A 321 16.47 3.06 24.77
CB MSE A 321 14.18 5.17 23.71
CG MSE A 321 12.68 5.33 23.74
SE MSE A 321 11.75 5.29 22.03
CE MSE A 321 12.58 6.82 21.27
N ALA A 322 17.09 5.19 25.05
CA ALA A 322 18.50 4.83 24.96
C ALA A 322 18.93 3.86 26.04
N ALA A 323 18.34 4.00 27.21
CA ALA A 323 18.67 3.17 28.37
C ALA A 323 17.78 1.94 28.49
N ALA A 324 16.88 1.74 27.54
CA ALA A 324 15.91 0.68 27.68
C ALA A 324 16.53 -0.71 27.57
N SER A 325 15.95 -1.64 28.32
CA SER A 325 16.20 -3.04 28.04
C SER A 325 14.96 -3.82 28.47
N PHE A 326 14.68 -4.83 27.68
CA PHE A 326 13.45 -5.58 27.82
C PHE A 326 13.71 -6.91 27.12
N ALA A 327 12.82 -7.84 27.39
CA ALA A 327 12.91 -9.12 26.71
C ALA A 327 12.26 -9.00 25.33
N SER A 328 13.04 -9.39 24.33
CA SER A 328 12.58 -9.49 22.96
C SER A 328 12.33 -10.96 22.65
N PRO A 329 11.52 -11.24 21.61
CA PRO A 329 11.49 -12.58 21.04
C PRO A 329 12.90 -13.10 20.72
N ARG A 330 13.87 -12.22 20.45
N ARG A 330 13.79 -12.17 20.38
CA ARG A 330 15.27 -12.65 20.21
CA ARG A 330 15.13 -12.56 19.97
C ARG A 330 15.95 -13.18 21.46
C ARG A 330 16.06 -12.86 21.21
N GLY A 331 15.66 -12.48 22.48
CA GLY A 331 16.51 -12.59 23.68
C GLY A 331 16.47 -11.26 24.41
N PRO A 332 17.39 -11.02 25.39
CA PRO A 332 17.43 -9.68 25.99
C PRO A 332 17.78 -8.62 24.96
N PHE A 333 17.02 -7.54 24.95
CA PHE A 333 17.26 -6.49 24.01
C PHE A 333 17.99 -5.40 24.75
N LYS A 334 19.04 -4.87 24.12
CA LYS A 334 19.74 -3.67 24.64
C LYS A 334 20.45 -2.94 23.52
N LEU A 335 20.68 -1.67 23.72
CA LEU A 335 21.27 -0.81 22.72
C LEU A 335 22.70 -0.42 23.07
N SER A 336 23.53 -0.28 22.05
CA SER A 336 24.86 0.26 22.24
C SER A 336 24.76 1.76 22.48
N ALA A 337 25.90 2.41 22.76
CA ALA A 337 25.91 3.86 22.96
C ALA A 337 25.45 4.63 21.71
N ALA A 338 25.58 4.02 20.52
CA ALA A 338 25.17 4.62 19.25
C ALA A 338 23.71 4.26 18.87
N HIS A 339 23.08 3.50 19.72
CA HIS A 339 21.66 3.15 19.62
C HIS A 339 21.39 2.08 18.58
N ASN A 340 22.32 1.15 18.43
CA ASN A 340 22.09 -0.04 17.60
C ASN A 340 21.91 -1.23 18.52
N PRO A 341 21.13 -2.27 18.16
CA PRO A 341 21.01 -3.41 19.06
C PRO A 341 22.32 -4.15 19.29
N VAL A 342 22.50 -4.63 20.52
CA VAL A 342 23.58 -5.54 20.88
C VAL A 342 22.92 -6.87 21.11
N GLN A 343 23.21 -7.85 20.24
CA GLN A 343 22.43 -9.05 20.22
C GLN A 343 23.21 -10.21 19.60
N ASN A 344 22.78 -11.41 19.91
CA ASN A 344 23.38 -12.60 19.30
C ASN A 344 23.03 -12.64 17.80
N PHE A 345 23.93 -13.26 17.05
CA PHE A 345 23.61 -13.74 15.71
C PHE A 345 23.72 -15.25 15.71
N TYR A 346 22.69 -15.90 15.18
N TYR A 346 22.69 -15.90 15.19
CA TYR A 346 22.62 -17.34 15.06
CA TYR A 346 22.61 -17.36 15.15
C TYR A 346 22.96 -17.86 13.70
C TYR A 346 22.89 -17.90 13.75
N LEU A 347 23.60 -19.02 13.69
CA LEU A 347 23.73 -19.80 12.49
C LEU A 347 22.45 -20.59 12.33
N ARG A 348 21.93 -20.63 11.12
CA ARG A 348 20.65 -21.30 10.85
C ARG A 348 20.75 -22.11 9.57
N GLU A 349 19.86 -23.07 9.44
CA GLU A 349 19.68 -23.79 8.18
C GLU A 349 18.21 -23.86 7.89
N LEU A 350 17.84 -23.68 6.63
CA LEU A 350 16.47 -23.86 6.23
C LEU A 350 16.24 -25.36 6.07
N LYS A 351 15.32 -25.91 6.85
CA LYS A 351 15.01 -27.34 6.79
C LYS A 351 13.55 -27.51 7.09
N GLY A 352 12.83 -28.16 6.19
CA GLY A 352 11.46 -28.46 6.47
C GLY A 352 10.52 -27.28 6.46
N GLY A 353 10.87 -26.24 5.71
CA GLY A 353 10.00 -25.09 5.62
C GLY A 353 10.14 -24.06 6.73
N LYS A 354 11.22 -24.13 7.48
CA LYS A 354 11.51 -23.12 8.49
C LYS A 354 13.02 -23.11 8.71
N SER A 355 13.55 -22.04 9.26
CA SER A 355 14.96 -22.00 9.64
C SER A 355 15.07 -22.58 11.04
N VAL A 356 16.08 -23.42 11.25
CA VAL A 356 16.36 -23.99 12.55
C VAL A 356 17.70 -23.48 13.03
N ASN A 357 17.82 -23.38 14.34
CA ASN A 357 19.01 -22.87 14.99
C ASN A 357 20.10 -23.92 15.05
N LEU A 358 21.23 -23.65 14.42
CA LEU A 358 22.40 -24.51 14.50
C LEU A 358 23.40 -24.08 15.56
N GLY A 359 23.17 -22.95 16.18
CA GLY A 359 23.98 -22.50 17.30
C GLY A 359 24.36 -21.05 17.12
N LEU A 360 25.04 -20.52 18.11
CA LEU A 360 25.43 -19.14 18.09
C LEU A 360 26.56 -18.94 17.08
N ALA A 361 26.43 -17.98 16.18
CA ALA A 361 27.48 -17.58 15.28
C ALA A 361 28.32 -16.47 15.89
N ALA A 362 27.70 -15.43 16.43
CA ALA A 362 28.40 -14.34 17.09
C ALA A 362 27.65 -14.05 18.36
N PRO A 363 28.36 -13.83 19.49
CA PRO A 363 27.70 -13.37 20.71
C PRO A 363 27.32 -11.92 20.56
N ALA A 364 26.75 -11.35 21.60
CA ALA A 364 26.16 -10.05 21.51
C ALA A 364 27.21 -8.96 21.70
N VAL A 365 27.67 -8.38 20.60
CA VAL A 365 28.72 -7.36 20.66
C VAL A 365 28.26 -6.08 19.97
N ALA A 366 28.81 -4.95 20.44
CA ALA A 366 28.43 -3.67 19.90
C ALA A 366 29.12 -3.37 18.57
N ASP A 367 28.36 -2.93 17.56
CA ASP A 367 28.91 -2.44 16.31
C ASP A 367 29.87 -1.34 16.64
N GLU A 368 30.97 -1.33 15.89
CA GLU A 368 32.09 -0.46 16.15
C GLU A 368 31.78 1.00 16.17
N ALA A 369 30.80 1.44 15.39
CA ALA A 369 30.20 2.79 15.53
C ALA A 369 31.19 3.92 15.27
N ILE A 370 32.15 3.66 14.39
CA ILE A 370 33.13 4.68 14.03
C ILE A 370 32.41 5.83 13.32
N GLY A 371 32.63 7.06 13.81
CA GLY A 371 31.93 8.21 13.28
C GLY A 371 30.81 8.70 14.16
N CYS A 372 30.36 7.88 15.10
CA CYS A 372 29.32 8.30 16.02
C CYS A 372 29.93 9.12 17.13
N LYS A 373 29.59 10.40 17.09
CA LYS A 373 30.11 11.39 17.99
C LYS A 373 28.99 11.72 18.95
N LEU A 374 29.26 11.43 20.23
CA LEU A 374 28.30 11.59 21.30
C LEU A 374 27.16 10.61 21.13
N GLY B 4 -25.74 17.97 16.57
CA GLY B 4 -26.08 18.99 15.59
C GLY B 4 -26.10 20.33 16.28
N PRO B 5 -26.62 21.36 15.60
CA PRO B 5 -26.62 22.71 16.17
C PRO B 5 -27.65 22.84 17.31
N PHE B 6 -27.51 23.87 18.14
CA PHE B 6 -28.45 24.08 19.24
C PHE B 6 -29.84 24.47 18.65
N ILE B 7 -29.83 25.31 17.62
CA ILE B 7 -31.07 25.73 16.94
C ILE B 7 -30.90 25.50 15.45
N ARG B 8 -31.99 25.12 14.79
CA ARG B 8 -31.99 24.98 13.33
C ARG B 8 -33.33 25.50 12.83
N PRO B 9 -33.37 25.96 11.57
CA PRO B 9 -34.63 26.46 11.00
C PRO B 9 -35.71 25.40 10.89
N SER B 10 -36.95 25.84 10.83
CA SER B 10 -38.07 24.96 10.58
C SER B 10 -37.92 24.15 9.32
N TYR B 11 -37.99 22.83 9.47
CA TYR B 11 -37.98 21.94 8.32
C TYR B 11 -39.19 22.11 7.41
N ALA B 12 -40.36 22.30 7.99
CA ALA B 12 -41.60 22.41 7.20
C ALA B 12 -41.58 23.65 6.29
N GLN B 13 -40.93 24.72 6.76
CA GLN B 13 -40.84 25.95 5.99
C GLN B 13 -39.70 25.93 4.98
N ALA B 14 -38.76 25.00 5.17
CA ALA B 14 -37.52 24.96 4.37
C ALA B 14 -37.67 24.54 2.90
N GLY B 15 -38.61 23.65 2.58
CA GLY B 15 -38.77 23.14 1.21
C GLY B 15 -37.67 22.13 0.87
N ALA B 16 -37.72 21.49 -0.29
CA ALA B 16 -36.74 20.44 -0.59
C ALA B 16 -35.35 21.00 -0.82
N LEU B 17 -34.35 20.27 -0.35
CA LEU B 17 -32.98 20.57 -0.73
C LEU B 17 -32.79 20.07 -2.14
N LYS B 18 -32.31 20.95 -3.01
CA LYS B 18 -32.08 20.62 -4.42
C LYS B 18 -30.67 20.11 -4.64
N VAL B 19 -30.57 18.85 -5.00
CA VAL B 19 -29.29 18.19 -5.22
C VAL B 19 -29.14 18.00 -6.71
N GLY B 20 -28.25 18.78 -7.31
CA GLY B 20 -28.01 18.63 -8.73
C GLY B 20 -27.19 17.42 -9.02
N LEU B 21 -27.64 16.57 -9.92
CA LEU B 21 -26.88 15.40 -10.37
C LEU B 21 -26.45 15.60 -11.80
N LEU B 22 -25.15 15.72 -12.03
CA LEU B 22 -24.59 15.81 -13.35
C LEU B 22 -23.93 14.45 -13.58
N LEU B 23 -24.60 13.63 -14.39
CA LEU B 23 -24.14 12.24 -14.60
C LEU B 23 -24.43 11.83 -16.03
N PRO B 24 -23.79 10.76 -16.51
CA PRO B 24 -24.15 10.22 -17.82
C PRO B 24 -25.42 9.39 -17.75
N TYR B 25 -26.47 9.87 -18.43
CA TYR B 25 -27.75 9.16 -18.49
C TYR B 25 -27.99 8.65 -19.89
N SER B 26 -26.97 8.71 -20.73
CA SER B 26 -26.99 8.22 -22.11
C SER B 26 -25.60 7.74 -22.45
N GLY B 27 -25.47 7.02 -23.55
CA GLY B 27 -24.19 6.54 -24.00
C GLY B 27 -23.59 5.42 -23.17
N THR B 28 -22.29 5.14 -23.42
CA THR B 28 -21.71 3.89 -22.92
C THR B 28 -21.62 3.92 -21.41
N TYR B 29 -21.61 5.11 -20.79
CA TYR B 29 -21.54 5.21 -19.31
C TYR B 29 -22.92 5.33 -18.63
N ALA B 30 -24.00 5.20 -19.41
CA ALA B 30 -25.30 5.30 -18.79
C ALA B 30 -25.52 4.32 -17.65
N PRO B 31 -24.96 3.10 -17.72
CA PRO B 31 -25.18 2.20 -16.58
C PRO B 31 -24.49 2.71 -15.29
N LEU B 32 -23.39 3.43 -15.46
CA LEU B 32 -22.68 3.99 -14.31
C LEU B 32 -23.48 5.12 -13.72
N GLY B 33 -24.05 5.98 -14.56
CA GLY B 33 -24.89 7.04 -14.04
C GLY B 33 -26.11 6.47 -13.32
N GLU B 34 -26.71 5.41 -13.87
CA GLU B 34 -27.82 4.75 -13.24
C GLU B 34 -27.41 4.19 -11.89
N ALA B 35 -26.29 3.45 -11.82
CA ALA B 35 -25.87 2.83 -10.56
C ALA B 35 -25.59 3.86 -9.45
N ILE B 36 -24.88 4.93 -9.80
CA ILE B 36 -24.62 5.99 -8.83
C ILE B 36 -25.91 6.61 -8.34
N THR B 37 -26.83 6.88 -9.27
CA THR B 37 -28.11 7.48 -8.92
C THR B 37 -28.90 6.57 -8.00
N ARG B 38 -28.90 5.28 -8.31
CA ARG B 38 -29.57 4.31 -7.46
C ARG B 38 -28.98 4.25 -6.05
N GLY B 39 -27.65 4.27 -5.94
CA GLY B 39 -27.03 4.27 -4.62
C GLY B 39 -27.50 5.48 -3.81
N LEU B 40 -27.49 6.64 -4.45
CA LEU B 40 -28.01 7.86 -3.80
C LEU B 40 -29.48 7.76 -3.42
N GLU B 41 -30.32 7.35 -4.37
CA GLU B 41 -31.77 7.29 -4.13
C GLU B 41 -32.09 6.28 -3.07
N LEU B 42 -31.41 5.13 -3.10
CA LEU B 42 -31.65 4.10 -2.10
C LEU B 42 -31.20 4.58 -0.74
N TYR B 43 -30.09 5.32 -0.69
CA TYR B 43 -29.63 5.87 0.60
C TYR B 43 -30.68 6.84 1.16
N VAL B 44 -31.16 7.75 0.32
CA VAL B 44 -32.15 8.73 0.78
C VAL B 44 -33.40 7.98 1.26
N GLN B 45 -33.83 6.95 0.54
CA GLN B 45 -34.99 6.18 0.95
C GLN B 45 -34.75 5.50 2.31
N SER B 46 -33.55 4.97 2.51
CA SER B 46 -33.20 4.32 3.76
C SER B 46 -33.30 5.25 4.96
N GLN B 47 -33.12 6.54 4.72
CA GLN B 47 -33.19 7.54 5.76
C GLN B 47 -34.55 8.19 5.78
N GLY B 48 -35.58 7.51 5.29
CA GLY B 48 -36.94 8.03 5.38
C GLY B 48 -37.27 9.15 4.42
N GLY B 49 -36.44 9.33 3.39
CA GLY B 49 -36.63 10.39 2.43
C GLY B 49 -35.96 11.71 2.78
N LYS B 50 -35.14 11.73 3.84
CA LYS B 50 -34.56 12.98 4.36
C LYS B 50 -33.08 12.84 4.63
N LEU B 51 -32.35 13.92 4.41
CA LEU B 51 -30.95 13.98 4.81
C LEU B 51 -30.85 15.16 5.71
N GLY B 52 -30.24 14.97 6.88
CA GLY B 52 -30.14 16.04 7.84
C GLY B 52 -31.49 16.68 8.09
N GLY B 53 -32.55 15.88 7.99
CA GLY B 53 -33.88 16.39 8.23
C GLY B 53 -34.60 17.00 7.03
N ARG B 54 -33.91 17.15 5.92
CA ARG B 54 -34.44 17.87 4.75
C ARG B 54 -34.94 16.88 3.72
N SER B 55 -36.10 17.16 3.13
N SER B 55 -36.11 17.15 3.14
CA SER B 55 -36.53 16.40 1.94
CA SER B 55 -36.54 16.39 1.95
C SER B 55 -35.56 16.71 0.81
C SER B 55 -35.58 16.70 0.81
N ILE B 56 -35.48 15.80 -0.16
CA ILE B 56 -34.46 15.90 -1.21
C ILE B 56 -35.15 15.87 -2.54
N SER B 57 -34.77 16.80 -3.41
CA SER B 57 -35.15 16.78 -4.80
C SER B 57 -33.90 16.66 -5.64
N PHE B 58 -33.78 15.56 -6.40
CA PHE B 58 -32.67 15.41 -7.30
C PHE B 58 -33.02 16.03 -8.62
N VAL B 59 -32.14 16.90 -9.06
CA VAL B 59 -32.30 17.59 -10.33
C VAL B 59 -31.28 16.99 -11.26
N LYS B 60 -31.74 16.16 -12.19
CA LYS B 60 -30.83 15.36 -13.03
C LYS B 60 -30.57 16.02 -14.38
N VAL B 61 -29.28 16.08 -14.78
CA VAL B 61 -28.84 16.63 -16.05
C VAL B 61 -27.88 15.61 -16.65
N ASP B 62 -28.12 15.24 -17.93
CA ASP B 62 -27.28 14.27 -18.64
C ASP B 62 -26.05 14.96 -19.21
N ASP B 63 -24.89 14.60 -18.69
CA ASP B 63 -23.64 15.17 -19.20
C ASP B 63 -23.16 14.60 -20.51
N GLU B 64 -23.84 13.55 -20.99
CA GLU B 64 -23.52 12.89 -22.27
C GLU B 64 -22.04 12.51 -22.35
N SER B 65 -21.39 12.38 -21.20
CA SER B 65 -19.95 12.12 -21.13
C SER B 65 -19.21 12.99 -22.13
N ALA B 66 -19.61 14.26 -22.21
CA ALA B 66 -19.15 15.18 -23.26
C ALA B 66 -18.49 16.42 -22.65
N PRO B 67 -17.15 16.40 -22.58
CA PRO B 67 -16.51 17.57 -21.98
C PRO B 67 -16.85 18.92 -22.63
N PRO B 68 -17.08 19.01 -23.94
CA PRO B 68 -17.41 20.35 -24.46
C PRO B 68 -18.66 21.00 -23.87
N LYS B 69 -19.57 20.19 -23.28
CA LYS B 69 -20.78 20.73 -22.68
C LYS B 69 -20.69 20.94 -21.19
N ALA B 70 -19.60 20.47 -20.58
CA ALA B 70 -19.50 20.44 -19.14
C ALA B 70 -19.65 21.79 -18.48
N THR B 71 -18.97 22.81 -19.02
CA THR B 71 -19.04 24.14 -18.38
C THR B 71 -20.47 24.68 -18.41
N GLU B 72 -21.13 24.58 -19.55
CA GLU B 72 -22.49 25.12 -19.66
C GLU B 72 -23.47 24.32 -18.81
N LEU B 73 -23.33 23.01 -18.74
CA LEU B 73 -24.28 22.21 -17.95
C LEU B 73 -24.10 22.43 -16.47
N THR B 74 -22.83 22.54 -16.03
CA THR B 74 -22.57 22.84 -14.64
C THR B 74 -23.18 24.18 -14.25
N THR B 75 -22.99 25.17 -15.12
CA THR B 75 -23.51 26.51 -14.86
C THR B 75 -25.02 26.48 -14.81
N LYS B 76 -25.66 25.71 -15.68
CA LYS B 76 -27.12 25.62 -15.64
C LYS B 76 -27.63 24.98 -14.35
N LEU B 77 -26.94 23.95 -13.88
CA LEU B 77 -27.36 23.34 -12.64
C LEU B 77 -27.24 24.27 -11.46
N ILE B 78 -26.13 24.99 -11.37
CA ILE B 78 -25.95 25.91 -10.26
C ILE B 78 -26.83 27.15 -10.36
N GLN B 79 -26.91 27.77 -11.55
N GLN B 79 -26.87 27.79 -11.52
CA GLN B 79 -27.50 29.11 -11.73
CA GLN B 79 -27.53 29.07 -11.64
C GLN B 79 -28.95 29.14 -12.20
C GLN B 79 -29.01 28.92 -11.96
N SER B 80 -29.33 28.17 -13.02
CA SER B 80 -30.73 28.09 -13.50
C SER B 80 -31.61 27.20 -12.63
N GLU B 81 -31.09 26.04 -12.28
CA GLU B 81 -31.84 25.12 -11.44
C GLU B 81 -31.65 25.38 -9.96
N LYS B 82 -30.71 26.28 -9.62
CA LYS B 82 -30.49 26.68 -8.23
C LYS B 82 -30.20 25.49 -7.32
N ALA B 83 -29.30 24.63 -7.78
CA ALA B 83 -28.89 23.52 -6.92
C ALA B 83 -28.29 24.04 -5.61
N ASP B 84 -28.61 23.36 -4.52
CA ASP B 84 -27.96 23.63 -3.23
C ASP B 84 -26.65 22.82 -3.05
N VAL B 85 -26.58 21.66 -3.70
CA VAL B 85 -25.43 20.72 -3.67
C VAL B 85 -25.27 20.20 -5.09
N LEU B 86 -24.04 19.94 -5.50
CA LEU B 86 -23.72 19.38 -6.80
C LEU B 86 -23.03 18.03 -6.60
N ILE B 87 -23.56 17.02 -7.28
CA ILE B 87 -22.96 15.69 -7.31
C ILE B 87 -22.72 15.28 -8.73
N GLY B 88 -21.45 15.02 -9.06
CA GLY B 88 -21.10 14.52 -10.38
C GLY B 88 -19.61 14.46 -10.52
N THR B 89 -19.05 13.78 -11.51
CA THR B 89 -19.71 12.97 -12.52
C THR B 89 -18.85 11.74 -12.73
N VAL B 90 -19.08 11.02 -13.82
CA VAL B 90 -18.37 9.77 -14.13
C VAL B 90 -17.12 10.05 -14.92
N HIS B 91 -17.24 10.76 -16.04
CA HIS B 91 -16.14 10.99 -16.98
C HIS B 91 -15.17 12.05 -16.49
N SER B 92 -13.89 11.70 -16.38
CA SER B 92 -12.89 12.61 -15.83
C SER B 92 -12.77 13.92 -16.54
N GLY B 93 -12.93 13.95 -17.85
CA GLY B 93 -12.86 15.22 -18.58
C GLY B 93 -14.04 16.14 -18.25
N VAL B 94 -15.24 15.57 -18.13
CA VAL B 94 -16.37 16.38 -17.72
C VAL B 94 -16.12 16.86 -16.29
N ALA B 95 -15.69 15.95 -15.42
CA ALA B 95 -15.56 16.28 -14.01
C ALA B 95 -14.53 17.34 -13.76
N MSE B 96 -13.43 17.35 -14.50
N MSE B 96 -13.44 17.37 -14.51
CA MSE B 96 -12.45 18.40 -14.32
CA MSE B 96 -12.45 18.41 -14.24
C MSE B 96 -13.08 19.75 -14.55
C MSE B 96 -12.94 19.80 -14.65
O MSE B 96 -12.91 20.67 -13.74
O MSE B 96 -12.58 20.82 -14.02
CB MSE B 96 -11.27 18.18 -15.27
CB MSE B 96 -11.10 18.03 -14.85
CG MSE B 96 -10.33 17.07 -14.74
CG MSE B 96 -10.92 18.33 -16.30
SE MSE B 96 -8.89 16.61 -15.91
SE MSE B 96 -9.14 17.74 -16.86
CE MSE B 96 -9.54 17.28 -17.61
CE MSE B 96 -9.32 15.82 -16.67
N ALA B 97 -13.81 19.87 -15.65
CA ALA B 97 -14.40 21.15 -16.03
C ALA B 97 -15.49 21.54 -15.03
N MSE B 98 -16.22 20.57 -14.52
CA MSE B 98 -17.23 20.83 -13.50
C MSE B 98 -16.60 21.32 -12.21
O MSE B 98 -17.05 22.31 -11.62
CB MSE B 98 -18.02 19.54 -13.22
CG MSE B 98 -19.17 19.68 -12.19
SE MSE B 98 -19.71 18.05 -11.38
CE MSE B 98 -18.37 18.06 -10.11
N VAL B 99 -15.54 20.67 -11.75
CA VAL B 99 -14.86 21.05 -10.54
C VAL B 99 -14.18 22.39 -10.68
N LYS B 100 -13.67 22.74 -11.85
CA LYS B 100 -13.05 24.04 -12.05
C LYS B 100 -14.06 25.13 -11.73
N ILE B 101 -15.31 24.95 -12.12
CA ILE B 101 -16.35 25.91 -11.78
C ILE B 101 -16.77 25.82 -10.34
N ALA B 102 -17.03 24.64 -9.85
CA ALA B 102 -17.54 24.44 -8.49
C ALA B 102 -16.57 24.95 -7.44
N ARG B 103 -15.28 24.80 -7.64
N ARG B 103 -15.27 24.76 -7.68
CA ARG B 103 -14.35 25.26 -6.63
CA ARG B 103 -14.18 25.26 -6.82
C ARG B 103 -14.31 26.80 -6.57
C ARG B 103 -14.32 26.76 -6.59
N GLU B 104 -14.62 27.49 -7.67
CA GLU B 104 -14.69 28.96 -7.62
C GLU B 104 -16.02 29.38 -7.06
N ASP B 105 -17.09 28.64 -7.35
CA ASP B 105 -18.44 29.01 -6.91
C ASP B 105 -18.64 28.84 -5.43
N GLY B 106 -18.12 27.75 -4.86
CA GLY B 106 -18.18 27.44 -3.44
C GLY B 106 -19.24 26.41 -3.06
N ILE B 107 -20.12 26.06 -4.00
CA ILE B 107 -21.19 25.12 -3.73
C ILE B 107 -20.65 23.77 -3.22
N PRO B 108 -21.27 23.17 -2.21
CA PRO B 108 -20.79 21.83 -1.78
C PRO B 108 -20.90 20.86 -2.94
N THR B 109 -19.80 20.16 -3.24
CA THR B 109 -19.66 19.32 -4.46
C THR B 109 -19.08 17.98 -4.08
N ILE B 110 -19.70 16.91 -4.57
CA ILE B 110 -19.24 15.56 -4.30
C ILE B 110 -19.05 14.86 -5.64
N VAL B 111 -17.84 14.38 -5.87
CA VAL B 111 -17.51 13.60 -7.08
C VAL B 111 -17.68 12.12 -6.75
N PRO B 112 -18.64 11.45 -7.39
CA PRO B 112 -18.99 10.08 -7.01
C PRO B 112 -18.36 9.02 -7.94
N ASN B 113 -17.48 9.45 -8.85
CA ASN B 113 -16.73 8.47 -9.65
C ASN B 113 -15.47 9.03 -10.23
N ALA B 114 -15.56 10.03 -11.08
CA ALA B 114 -14.42 10.48 -11.90
C ALA B 114 -13.13 10.48 -11.09
N GLY B 115 -12.13 9.78 -11.60
CA GLY B 115 -10.87 9.60 -10.92
C GLY B 115 -9.81 10.62 -11.18
N ALA B 116 -10.12 11.66 -11.96
CA ALA B 116 -9.12 12.60 -12.42
C ALA B 116 -8.18 12.97 -11.32
N ASP B 117 -6.89 12.78 -11.57
CA ASP B 117 -5.90 13.00 -10.53
C ASP B 117 -5.94 14.43 -10.00
N ILE B 118 -6.25 15.40 -10.84
CA ILE B 118 -6.16 16.81 -10.43
C ILE B 118 -7.20 17.24 -9.44
N ILE B 119 -8.31 16.55 -9.40
CA ILE B 119 -9.44 16.96 -8.56
C ILE B 119 -9.07 17.05 -7.08
N THR B 120 -8.24 16.14 -6.60
CA THR B 120 -7.80 16.19 -5.21
C THR B 120 -6.31 16.51 -5.12
N ARG B 121 -5.80 17.12 -6.16
CA ARG B 121 -4.43 17.65 -6.17
C ARG B 121 -4.52 19.14 -6.44
N ALA B 122 -4.07 19.67 -7.56
CA ALA B 122 -4.09 21.13 -7.73
C ALA B 122 -5.48 21.76 -7.67
N MSE B 123 -6.55 21.05 -7.99
CA MSE B 123 -7.91 21.59 -7.93
C MSE B 123 -8.60 21.34 -6.59
O MSE B 123 -9.76 21.65 -6.41
CB MSE B 123 -8.81 20.99 -8.99
CG MSE B 123 -8.67 21.56 -10.40
SE MSE B 123 -10.20 21.00 -11.56
CE MSE B 123 -9.44 21.54 -13.24
N CYS B 124 -7.88 20.82 -5.63
CA CYS B 124 -8.52 20.55 -4.36
C CYS B 124 -9.08 21.84 -3.77
N ALA B 125 -10.14 21.68 -2.99
CA ALA B 125 -10.80 22.86 -2.44
C ALA B 125 -11.64 22.49 -1.24
N PRO B 126 -11.99 23.48 -0.41
CA PRO B 126 -12.72 23.15 0.82
C PRO B 126 -14.11 22.58 0.59
N ASN B 127 -14.69 22.85 -0.60
CA ASN B 127 -16.04 22.41 -0.93
C ASN B 127 -16.11 21.24 -1.89
N VAL B 128 -14.97 20.64 -2.22
CA VAL B 128 -14.91 19.58 -3.22
C VAL B 128 -14.46 18.30 -2.58
N PHE B 129 -15.27 17.25 -2.72
CA PHE B 129 -15.04 15.98 -2.08
C PHE B 129 -15.14 14.87 -3.12
N ARG B 130 -14.50 13.76 -2.86
CA ARG B 130 -14.60 12.59 -3.77
C ARG B 130 -14.86 11.34 -2.96
N THR B 131 -15.84 10.52 -3.36
CA THR B 131 -16.15 9.28 -2.69
C THR B 131 -15.66 8.01 -3.43
N SER B 132 -14.94 8.23 -4.50
CA SER B 132 -14.56 7.11 -5.37
C SER B 132 -13.09 6.69 -5.18
N PHE B 133 -12.18 7.27 -5.93
CA PHE B 133 -10.77 6.83 -6.00
C PHE B 133 -10.04 7.87 -6.88
N ALA B 134 -8.72 7.75 -7.01
CA ALA B 134 -7.98 8.52 -8.01
C ALA B 134 -7.39 7.57 -9.06
N ASN B 135 -7.36 8.04 -10.28
CA ASN B 135 -6.91 7.25 -11.42
C ASN B 135 -5.50 6.72 -11.28
N GLY B 136 -4.54 7.58 -10.97
CA GLY B 136 -3.18 7.10 -10.92
C GLY B 136 -2.99 6.11 -9.78
N GLN B 137 -3.69 6.33 -8.66
CA GLN B 137 -3.62 5.47 -7.52
C GLN B 137 -4.07 4.02 -7.84
N ILE B 138 -5.19 3.88 -8.52
CA ILE B 138 -5.66 2.56 -8.83
C ILE B 138 -4.87 1.91 -9.95
N GLY B 139 -4.35 2.71 -10.86
CA GLY B 139 -3.44 2.16 -11.85
C GLY B 139 -2.17 1.62 -11.21
N ARG B 140 -1.59 2.35 -10.27
CA ARG B 140 -0.39 1.89 -9.56
C ARG B 140 -0.69 0.60 -8.84
N ALA B 141 -1.81 0.51 -8.13
CA ALA B 141 -2.11 -0.68 -7.38
C ALA B 141 -2.23 -1.87 -8.31
N THR B 142 -2.85 -1.66 -9.49
CA THR B 142 -3.05 -2.75 -10.41
C THR B 142 -1.71 -3.22 -10.98
N GLY B 143 -0.86 -2.28 -11.39
CA GLY B 143 0.47 -2.64 -11.88
C GLY B 143 1.29 -3.37 -10.85
N ASP B 144 1.21 -2.93 -9.60
CA ASP B 144 1.99 -3.59 -8.54
C ASP B 144 1.49 -5.01 -8.30
N ALA B 145 0.17 -5.22 -8.39
CA ALA B 145 -0.37 -6.56 -8.27
C ALA B 145 0.11 -7.46 -9.38
N MSE B 146 0.22 -6.91 -10.58
CA MSE B 146 0.69 -7.70 -11.71
C MSE B 146 2.18 -8.09 -11.54
O MSE B 146 2.58 -9.21 -11.88
CB MSE B 146 0.45 -6.90 -12.97
CG MSE B 146 -1.04 -6.80 -13.27
SE MSE B 146 -1.60 -5.49 -14.55
CE MSE B 146 -1.00 -6.46 -16.11
N ILE B 147 3.02 -7.17 -11.05
CA ILE B 147 4.41 -7.50 -10.74
C ILE B 147 4.45 -8.55 -9.64
N LYS B 148 3.60 -8.41 -8.62
CA LYS B 148 3.54 -9.41 -7.57
C LYS B 148 3.23 -10.80 -8.14
N ALA B 149 2.37 -10.82 -9.15
CA ALA B 149 1.95 -12.05 -9.83
C ALA B 149 3.02 -12.63 -10.76
N GLY B 150 4.13 -11.93 -10.92
CA GLY B 150 5.22 -12.43 -11.76
C GLY B 150 5.20 -12.04 -13.22
N LEU B 151 4.32 -11.11 -13.58
CA LEU B 151 4.17 -10.70 -14.97
C LEU B 151 5.27 -9.68 -15.32
N LYS B 152 5.67 -9.64 -16.58
CA LYS B 152 6.79 -8.78 -16.92
C LYS B 152 6.78 -8.16 -18.32
N LYS B 153 5.74 -8.43 -19.13
CA LYS B 153 5.73 -7.93 -20.52
C LYS B 153 4.28 -7.58 -20.94
N ALA B 154 3.90 -6.34 -20.72
CA ALA B 154 2.50 -5.93 -20.88
C ALA B 154 2.24 -5.12 -22.14
N VAL B 155 1.01 -5.22 -22.64
CA VAL B 155 0.42 -4.25 -23.55
C VAL B 155 -0.73 -3.61 -22.80
N THR B 156 -0.87 -2.31 -22.94
CA THR B 156 -2.03 -1.61 -22.39
C THR B 156 -3.00 -1.24 -23.51
N VAL B 157 -4.28 -1.20 -23.17
CA VAL B 157 -5.31 -0.77 -24.12
C VAL B 157 -6.41 -0.03 -23.36
N THR B 158 -6.76 1.13 -23.88
CA THR B 158 -7.78 1.98 -23.23
C THR B 158 -8.30 3.00 -24.20
N TRP B 159 -9.21 3.85 -23.70
CA TRP B 159 -9.69 4.97 -24.44
C TRP B 159 -8.77 6.18 -24.30
N LYS B 160 -8.70 6.97 -25.36
CA LYS B 160 -7.87 8.13 -25.41
C LYS B 160 -8.55 9.34 -24.76
N TYR B 161 -8.59 9.35 -23.44
CA TYR B 161 -9.00 10.52 -22.71
C TYR B 161 -8.34 10.42 -21.35
N ALA B 162 -8.54 11.44 -20.53
CA ALA B 162 -7.79 11.57 -19.27
C ALA B 162 -7.78 10.34 -18.40
N ALA B 163 -8.92 9.71 -18.18
CA ALA B 163 -8.94 8.60 -17.26
C ALA B 163 -8.13 7.42 -17.75
N GLY B 164 -8.24 7.13 -19.04
CA GLY B 164 -7.42 6.06 -19.60
C GLY B 164 -5.94 6.41 -19.50
N GLU B 165 -5.58 7.64 -19.86
CA GLU B 165 -4.19 8.08 -19.82
C GLU B 165 -3.64 7.98 -18.42
N GLU B 166 -4.40 8.43 -17.44
CA GLU B 166 -3.91 8.46 -16.08
C GLU B 166 -3.86 7.10 -15.44
N MSE B 167 -4.81 6.22 -15.76
CA MSE B 167 -4.73 4.87 -15.22
C MSE B 167 -3.61 4.05 -15.87
O MSE B 167 -2.99 3.24 -15.19
CB MSE B 167 -6.08 4.16 -15.37
CG MSE B 167 -7.11 4.66 -14.33
SE MSE B 167 -8.68 3.58 -14.23
CE MSE B 167 -9.97 4.83 -14.83
N VAL B 168 -3.36 4.27 -17.14
CA VAL B 168 -2.21 3.65 -17.80
C VAL B 168 -0.90 4.22 -17.24
N SER B 169 -0.86 5.52 -16.96
CA SER B 169 0.38 6.11 -16.44
C SER B 169 0.69 5.54 -15.08
N GLY B 170 -0.31 5.41 -14.20
CA GLY B 170 -0.05 4.83 -12.89
C GLY B 170 0.39 3.39 -12.96
N PHE B 171 -0.29 2.61 -13.80
CA PHE B 171 0.12 1.24 -14.05
C PHE B 171 1.58 1.16 -14.48
N LYS B 172 1.96 2.02 -15.43
CA LYS B 172 3.31 1.98 -15.98
C LYS B 172 4.33 2.30 -14.90
N LYS B 173 4.03 3.25 -14.03
CA LYS B 173 4.95 3.56 -12.95
C LYS B 173 5.26 2.38 -12.07
N SER B 174 4.23 1.70 -11.61
N SER B 174 4.24 1.68 -11.60
CA SER B 174 4.44 0.56 -10.75
CA SER B 174 4.51 0.55 -10.72
C SER B 174 5.04 -0.62 -11.51
C SER B 174 4.97 -0.68 -11.46
N PHE B 175 4.56 -0.86 -12.71
CA PHE B 175 5.02 -2.04 -13.48
C PHE B 175 6.49 -1.88 -13.80
N THR B 176 6.88 -0.70 -14.27
CA THR B 176 8.29 -0.49 -14.59
C THR B 176 9.16 -0.37 -13.33
N ALA B 177 8.63 0.12 -12.20
CA ALA B 177 9.44 0.12 -10.97
C ALA B 177 9.81 -1.29 -10.61
N GLY B 178 8.94 -2.23 -10.92
CA GLY B 178 9.17 -3.63 -10.66
C GLY B 178 9.99 -4.34 -11.73
N LYS B 179 10.47 -3.56 -12.69
CA LYS B 179 11.30 -4.04 -13.83
C LYS B 179 10.51 -4.81 -14.89
N GLY B 180 9.18 -4.66 -14.88
CA GLY B 180 8.40 -5.09 -16.01
C GLY B 180 8.58 -4.14 -17.17
N GLU B 181 8.29 -4.63 -18.36
CA GLU B 181 8.32 -3.84 -19.57
C GLU B 181 6.93 -3.69 -20.15
N VAL B 182 6.62 -2.48 -20.61
CA VAL B 182 5.38 -2.20 -21.33
C VAL B 182 5.76 -2.03 -22.79
N VAL B 183 5.38 -3.00 -23.61
CA VAL B 183 5.86 -3.04 -24.98
C VAL B 183 5.05 -2.17 -25.94
N LYS B 184 3.82 -1.83 -25.55
CA LYS B 184 2.97 -0.97 -26.37
C LYS B 184 1.83 -0.44 -25.53
N ASP B 185 1.47 0.81 -25.79
CA ASP B 185 0.22 1.40 -25.29
C ASP B 185 -0.71 1.68 -26.45
N ILE B 186 -1.81 0.97 -26.50
CA ILE B 186 -2.78 1.10 -27.58
C ILE B 186 -3.95 1.93 -27.08
N THR B 187 -4.42 2.88 -27.90
CA THR B 187 -5.64 3.58 -27.55
C THR B 187 -6.66 3.59 -28.67
N ILE B 188 -7.90 3.79 -28.27
CA ILE B 188 -9.10 3.80 -29.08
C ILE B 188 -9.75 5.15 -28.75
N ALA B 189 -10.31 5.88 -29.70
CA ALA B 189 -11.00 7.11 -29.34
C ALA B 189 -12.23 6.79 -28.50
N PHE B 190 -12.49 7.60 -27.47
CA PHE B 190 -13.71 7.48 -26.68
C PHE B 190 -14.91 7.98 -27.48
N PRO B 191 -16.06 7.27 -27.44
CA PRO B 191 -16.41 5.98 -26.82
C PRO B 191 -16.50 4.86 -27.86
N ASP B 192 -15.52 4.78 -28.73
N ASP B 192 -15.49 4.80 -28.73
CA ASP B 192 -15.64 3.76 -29.76
CA ASP B 192 -15.37 3.77 -29.79
C ASP B 192 -15.43 2.39 -29.17
C ASP B 192 -15.41 2.38 -29.15
N VAL B 193 -16.07 1.41 -29.79
CA VAL B 193 -16.09 0.04 -29.28
C VAL B 193 -15.71 -0.99 -30.37
N GLU B 194 -14.94 -0.51 -31.33
CA GLU B 194 -14.33 -1.42 -32.31
C GLU B 194 -12.95 -1.83 -31.80
N PHE B 195 -12.82 -3.07 -31.31
CA PHE B 195 -11.61 -3.50 -30.61
C PHE B 195 -10.80 -4.54 -31.35
N GLN B 196 -11.34 -5.10 -32.43
CA GLN B 196 -10.67 -6.25 -33.04
C GLN B 196 -9.28 -5.92 -33.59
N SER B 197 -9.08 -4.72 -34.13
CA SER B 197 -7.73 -4.38 -34.60
C SER B 197 -6.72 -4.26 -33.45
N ALA B 198 -7.18 -3.76 -32.29
CA ALA B 198 -6.33 -3.72 -31.12
C ALA B 198 -5.94 -5.14 -30.67
N LEU B 199 -6.90 -6.06 -30.70
CA LEU B 199 -6.62 -7.44 -30.30
C LEU B 199 -5.68 -8.15 -31.26
N ALA B 200 -5.82 -7.83 -32.54
CA ALA B 200 -4.87 -8.38 -33.53
C ALA B 200 -3.45 -7.87 -33.27
N GLU B 201 -3.33 -6.60 -32.90
CA GLU B 201 -2.02 -6.05 -32.63
C GLU B 201 -1.45 -6.69 -31.36
N ILE B 202 -2.30 -6.82 -30.32
CA ILE B 202 -1.86 -7.49 -29.09
C ILE B 202 -1.28 -8.89 -29.41
N ALA B 203 -2.00 -9.67 -30.19
CA ALA B 203 -1.53 -11.01 -30.50
C ALA B 203 -0.15 -10.95 -31.14
N SER B 204 0.01 -9.98 -32.04
CA SER B 204 1.28 -9.86 -32.77
C SER B 204 2.45 -9.51 -31.86
N LEU B 205 2.16 -8.84 -30.75
CA LEU B 205 3.21 -8.40 -29.83
C LEU B 205 3.59 -9.43 -28.76
N LYS B 206 2.77 -10.47 -28.60
CA LYS B 206 3.08 -11.59 -27.67
C LYS B 206 3.47 -11.18 -26.25
N PRO B 207 2.65 -10.32 -25.65
CA PRO B 207 2.88 -9.99 -24.25
C PRO B 207 2.49 -11.15 -23.36
N ASP B 208 2.89 -11.07 -22.09
CA ASP B 208 2.45 -12.03 -21.10
C ASP B 208 1.22 -11.58 -20.32
N CYS B 209 0.74 -10.39 -20.64
CA CYS B 209 -0.49 -9.90 -20.03
C CYS B 209 -0.98 -8.68 -20.80
N VAL B 210 -2.27 -8.39 -20.62
CA VAL B 210 -2.87 -7.15 -21.12
C VAL B 210 -3.47 -6.41 -19.94
N TYR B 211 -3.23 -5.11 -19.90
CA TYR B 211 -3.87 -4.19 -18.94
C TYR B 211 -4.85 -3.32 -19.72
N ALA B 212 -6.12 -3.41 -19.36
CA ALA B 212 -7.17 -2.67 -20.05
C ALA B 212 -7.99 -1.84 -19.09
N PHE B 213 -8.28 -0.62 -19.53
CA PHE B 213 -9.35 0.16 -18.90
C PHE B 213 -10.41 0.51 -19.92
N PHE B 214 -11.57 -0.09 -19.66
CA PHE B 214 -12.85 0.26 -20.29
C PHE B 214 -13.88 0.13 -19.17
N SER B 215 -15.08 0.67 -19.37
CA SER B 215 -16.13 0.56 -18.40
C SER B 215 -17.45 0.69 -19.12
N GLY B 216 -18.50 0.25 -18.47
CA GLY B 216 -19.82 0.33 -19.04
C GLY B 216 -19.96 -0.57 -20.22
N GLY B 217 -20.76 -0.11 -21.20
CA GLY B 217 -21.01 -0.95 -22.36
C GLY B 217 -19.74 -1.30 -23.09
N GLY B 218 -18.76 -0.40 -23.11
CA GLY B 218 -17.49 -0.67 -23.76
C GLY B 218 -16.75 -1.81 -23.11
N ALA B 219 -16.81 -1.92 -21.80
CA ALA B 219 -16.17 -2.99 -21.10
C ALA B 219 -16.80 -4.32 -21.45
N LEU B 220 -18.12 -4.41 -21.48
CA LEU B 220 -18.78 -5.67 -21.83
C LEU B 220 -18.34 -6.10 -23.23
N LYS B 221 -18.34 -5.19 -24.18
CA LYS B 221 -18.00 -5.57 -25.54
C LYS B 221 -16.52 -5.96 -25.62
N PHE B 222 -15.66 -5.23 -24.92
CA PHE B 222 -14.23 -5.58 -24.89
C PHE B 222 -14.02 -6.97 -24.34
N ILE B 223 -14.66 -7.32 -23.25
CA ILE B 223 -14.48 -8.63 -22.64
C ILE B 223 -14.92 -9.72 -23.60
N LYS B 224 -16.05 -9.55 -24.27
CA LYS B 224 -16.49 -10.57 -25.21
C LYS B 224 -15.55 -10.67 -26.39
N ASP B 225 -15.11 -9.55 -26.93
CA ASP B 225 -14.21 -9.59 -28.09
C ASP B 225 -12.86 -10.18 -27.70
N TYR B 226 -12.38 -9.88 -26.52
CA TYR B 226 -11.08 -10.41 -26.06
C TYR B 226 -11.16 -11.90 -25.94
N ALA B 227 -12.20 -12.43 -25.34
CA ALA B 227 -12.34 -13.87 -25.25
C ALA B 227 -12.42 -14.52 -26.63
N ALA B 228 -13.18 -13.93 -27.53
CA ALA B 228 -13.35 -14.53 -28.88
C ALA B 228 -12.06 -14.55 -29.63
N ALA B 229 -11.08 -13.71 -29.32
CA ALA B 229 -9.80 -13.69 -30.00
C ALA B 229 -8.87 -14.83 -29.60
N ASN B 230 -9.24 -15.56 -28.56
N ASN B 230 -9.26 -15.55 -28.56
CA ASN B 230 -8.51 -16.78 -28.17
CA ASN B 230 -8.53 -16.74 -28.13
C ASN B 230 -7.01 -16.57 -28.00
C ASN B 230 -7.03 -16.47 -28.11
N LEU B 231 -6.64 -15.53 -27.26
CA LEU B 231 -5.28 -15.04 -27.22
C LEU B 231 -4.34 -15.85 -26.37
N GLY B 232 -4.83 -16.57 -25.37
CA GLY B 232 -3.95 -17.23 -24.43
C GLY B 232 -3.06 -16.32 -23.59
N ILE B 233 -3.57 -15.11 -23.34
CA ILE B 233 -2.87 -14.06 -22.59
C ILE B 233 -3.84 -13.57 -21.51
N PRO B 234 -3.42 -13.56 -20.23
CA PRO B 234 -4.32 -13.11 -19.17
C PRO B 234 -4.63 -11.62 -19.25
N LEU B 235 -5.92 -11.35 -19.07
CA LEU B 235 -6.44 -9.98 -19.03
C LEU B 235 -6.55 -9.50 -17.59
N TRP B 236 -6.03 -8.29 -17.40
CA TRP B 236 -6.08 -7.55 -16.14
C TRP B 236 -6.63 -6.15 -16.38
N GLY B 237 -7.11 -5.52 -15.32
CA GLY B 237 -7.41 -4.11 -15.34
C GLY B 237 -7.79 -3.62 -13.98
N PRO B 238 -7.98 -2.32 -13.90
CA PRO B 238 -8.72 -1.81 -12.73
C PRO B 238 -10.14 -2.40 -12.76
N GLY B 239 -10.79 -2.52 -11.61
CA GLY B 239 -12.04 -3.24 -11.54
C GLY B 239 -13.23 -2.67 -12.30
N PHE B 240 -13.11 -1.45 -12.80
CA PHE B 240 -14.13 -0.90 -13.68
C PHE B 240 -14.31 -1.76 -14.91
N LEU B 241 -13.28 -2.50 -15.28
CA LEU B 241 -13.34 -3.36 -16.47
C LEU B 241 -14.40 -4.41 -16.34
N THR B 242 -14.70 -4.87 -15.12
CA THR B 242 -15.68 -5.91 -14.92
C THR B 242 -16.92 -5.51 -14.18
N ASP B 243 -16.84 -4.44 -13.36
CA ASP B 243 -17.98 -4.14 -12.51
C ASP B 243 -19.22 -3.72 -13.31
N GLY B 244 -20.31 -4.39 -13.04
CA GLY B 244 -21.57 -4.14 -13.68
C GLY B 244 -21.82 -4.98 -14.93
N VAL B 245 -20.80 -5.66 -15.47
CA VAL B 245 -20.96 -6.35 -16.73
C VAL B 245 -20.71 -7.84 -16.55
N GLU B 246 -20.59 -8.31 -15.33
CA GLU B 246 -20.21 -9.69 -15.05
C GLU B 246 -21.23 -10.68 -15.58
N ALA B 247 -22.50 -10.46 -15.36
CA ALA B 247 -23.52 -11.44 -15.75
C ALA B 247 -23.62 -11.47 -17.25
N ALA B 248 -23.70 -10.33 -17.91
CA ALA B 248 -23.89 -10.28 -19.35
C ALA B 248 -22.68 -10.80 -20.10
N ALA B 249 -21.49 -10.72 -19.49
CA ALA B 249 -20.30 -11.26 -20.13
C ALA B 249 -20.30 -12.78 -20.18
N GLY B 250 -20.96 -13.44 -19.27
CA GLY B 250 -21.00 -14.90 -19.30
C GLY B 250 -19.62 -15.51 -19.22
N PRO B 251 -19.45 -16.67 -19.84
CA PRO B 251 -18.17 -17.37 -19.77
C PRO B 251 -16.98 -16.58 -20.28
N ALA B 252 -17.20 -15.61 -21.17
CA ALA B 252 -16.13 -14.75 -21.64
C ALA B 252 -15.40 -14.02 -20.50
N GLY B 253 -16.11 -13.72 -19.43
CA GLY B 253 -15.51 -13.04 -18.29
C GLY B 253 -14.64 -13.87 -17.38
N ASP B 254 -14.83 -15.18 -17.36
CA ASP B 254 -14.17 -15.99 -16.36
C ASP B 254 -12.65 -15.88 -16.47
N GLY B 255 -12.02 -15.64 -15.32
CA GLY B 255 -10.58 -15.60 -15.19
C GLY B 255 -9.96 -14.20 -15.26
N ILE B 256 -10.73 -13.17 -15.60
CA ILE B 256 -10.18 -11.81 -15.63
C ILE B 256 -9.78 -11.42 -14.22
N LYS B 257 -8.62 -10.83 -14.08
CA LYS B 257 -8.11 -10.36 -12.79
C LYS B 257 -8.21 -8.84 -12.75
N THR B 258 -8.67 -8.34 -11.62
CA THR B 258 -8.79 -6.91 -11.45
C THR B 258 -8.39 -6.46 -10.05
N VAL B 259 -8.12 -5.18 -9.91
CA VAL B 259 -7.91 -4.59 -8.59
C VAL B 259 -8.94 -3.47 -8.39
N LEU B 260 -9.59 -3.46 -7.23
CA LEU B 260 -10.59 -2.45 -6.97
C LEU B 260 -10.75 -2.29 -5.46
N HIS B 261 -11.25 -1.12 -5.09
CA HIS B 261 -11.56 -0.75 -3.73
C HIS B 261 -12.90 -1.33 -3.21
N TYR B 262 -13.58 -2.15 -4.00
CA TYR B 262 -14.80 -2.81 -3.55
C TYR B 262 -14.86 -4.21 -4.14
N VAL B 263 -15.41 -5.14 -3.36
CA VAL B 263 -15.75 -6.47 -3.85
C VAL B 263 -17.11 -6.77 -3.24
N SER B 264 -18.00 -7.37 -4.03
N SER B 264 -18.02 -7.37 -3.99
CA SER B 264 -19.36 -7.62 -3.60
CA SER B 264 -19.38 -7.50 -3.48
C SER B 264 -19.44 -8.43 -2.30
C SER B 264 -19.49 -8.49 -2.31
N ASP B 265 -18.49 -9.33 -2.14
CA ASP B 265 -18.44 -10.28 -1.03
C ASP B 265 -17.82 -9.77 0.25
N LEU B 266 -17.45 -8.49 0.31
CA LEU B 266 -16.86 -7.99 1.54
C LEU B 266 -17.81 -8.22 2.72
N ASP B 267 -17.35 -8.77 3.83
N ASP B 267 -17.20 -8.74 3.79
CA ASP B 267 -18.35 -9.27 4.79
CA ASP B 267 -17.89 -9.16 4.98
C ASP B 267 -18.83 -8.34 5.93
C ASP B 267 -17.86 -8.06 6.03
N ASN B 268 -18.50 -7.06 5.88
N ASN B 268 -18.76 -7.10 5.89
CA ASN B 268 -18.93 -6.12 6.92
CA ASN B 268 -18.98 -6.13 6.93
C ASN B 268 -20.45 -5.89 6.94
C ASN B 268 -20.46 -5.83 6.93
N ALA B 269 -20.96 -5.38 8.06
CA ALA B 269 -22.40 -5.24 8.25
C ALA B 269 -23.04 -4.26 7.28
N GLU B 270 -22.35 -3.15 7.01
CA GLU B 270 -22.88 -2.16 6.08
C GLU B 270 -23.05 -2.80 4.70
N ASN B 271 -22.05 -3.52 4.22
CA ASN B 271 -22.15 -4.15 2.90
C ASN B 271 -23.26 -5.19 2.88
N GLN B 272 -23.33 -6.01 3.92
CA GLN B 272 -24.39 -7.03 3.91
C GLN B 272 -25.80 -6.41 3.81
N ALA B 273 -26.03 -5.35 4.59
CA ALA B 273 -27.33 -4.69 4.57
C ALA B 273 -27.61 -3.93 3.26
N PHE B 274 -26.59 -3.26 2.76
CA PHE B 274 -26.66 -2.55 1.50
C PHE B 274 -26.97 -3.50 0.35
N VAL B 275 -26.22 -4.60 0.23
CA VAL B 275 -26.46 -5.52 -0.87
C VAL B 275 -27.90 -6.04 -0.77
N LYS B 276 -28.33 -6.39 0.43
CA LYS B 276 -29.70 -6.92 0.59
C LYS B 276 -30.76 -5.90 0.12
N SER B 277 -30.59 -4.66 0.57
N SER B 277 -30.60 -4.66 0.57
CA SER B 277 -31.54 -3.61 0.24
CA SER B 277 -31.53 -3.61 0.23
C SER B 277 -31.52 -3.29 -1.25
C SER B 277 -31.51 -3.32 -1.27
N PHE B 278 -30.32 -3.22 -1.81
CA PHE B 278 -30.18 -2.85 -3.21
C PHE B 278 -30.76 -3.95 -4.13
N GLU B 279 -30.46 -5.22 -3.81
CA GLU B 279 -31.01 -6.33 -4.59
C GLU B 279 -32.53 -6.38 -4.48
N ALA B 280 -33.08 -6.05 -3.32
CA ALA B 280 -34.53 -6.08 -3.18
C ALA B 280 -35.18 -4.98 -4.03
N ALA B 281 -34.51 -3.83 -4.11
CA ALA B 281 -35.06 -2.70 -4.85
C ALA B 281 -34.87 -2.85 -6.37
N TYR B 282 -33.69 -3.32 -6.81
CA TYR B 282 -33.30 -3.24 -8.22
C TYR B 282 -33.06 -4.58 -8.89
N LYS B 283 -33.04 -5.65 -8.09
CA LYS B 283 -33.02 -7.03 -8.62
C LYS B 283 -31.70 -7.39 -9.29
N ILE B 284 -30.66 -6.63 -8.99
CA ILE B 284 -29.29 -6.95 -9.38
C ILE B 284 -28.38 -6.52 -8.23
N PRO B 285 -27.19 -7.08 -8.14
CA PRO B 285 -26.27 -6.62 -7.07
C PRO B 285 -25.79 -5.21 -7.35
N PRO B 286 -25.49 -4.49 -6.28
CA PRO B 286 -24.78 -3.24 -6.51
C PRO B 286 -23.35 -3.45 -6.91
N ASP B 287 -22.84 -2.55 -7.73
CA ASP B 287 -21.42 -2.54 -8.10
C ASP B 287 -20.72 -1.35 -7.46
N VAL B 288 -19.46 -1.15 -7.82
CA VAL B 288 -18.69 -0.11 -7.13
C VAL B 288 -19.30 1.26 -7.33
N PHE B 289 -19.95 1.50 -8.47
CA PHE B 289 -20.54 2.80 -8.78
C PHE B 289 -21.70 3.05 -7.85
N ALA B 290 -22.50 2.03 -7.60
CA ALA B 290 -23.61 2.15 -6.63
C ALA B 290 -23.06 2.41 -5.24
N VAL B 291 -21.99 1.74 -4.83
CA VAL B 291 -21.38 2.00 -3.55
C VAL B 291 -20.94 3.45 -3.47
N GLN B 292 -20.28 3.96 -4.48
CA GLN B 292 -19.80 5.33 -4.48
C GLN B 292 -20.94 6.33 -4.39
N GLY B 293 -22.07 6.05 -4.98
CA GLY B 293 -23.25 6.88 -4.89
C GLY B 293 -23.88 6.81 -3.50
N TRP B 294 -24.04 5.62 -2.95
CA TRP B 294 -24.51 5.44 -1.58
C TRP B 294 -23.64 6.23 -0.62
N ASP B 295 -22.32 6.15 -0.76
CA ASP B 295 -21.43 6.84 0.14
C ASP B 295 -21.43 8.35 -0.11
N ALA B 296 -21.70 8.86 -1.30
CA ALA B 296 -21.99 10.27 -1.54
C ALA B 296 -23.22 10.70 -0.75
N GLY B 297 -24.24 9.85 -0.71
CA GLY B 297 -25.40 10.12 0.14
C GLY B 297 -25.04 10.17 1.60
N GLN B 298 -24.23 9.25 2.09
CA GLN B 298 -23.79 9.27 3.50
C GLN B 298 -22.98 10.49 3.81
N LEU B 299 -22.13 10.93 2.90
CA LEU B 299 -21.29 12.08 3.11
C LEU B 299 -22.15 13.33 3.16
N LEU B 300 -23.09 13.48 2.25
CA LEU B 300 -23.98 14.61 2.27
C LEU B 300 -24.80 14.63 3.54
N ASP B 301 -25.29 13.50 3.95
CA ASP B 301 -26.06 13.38 5.21
C ASP B 301 -25.23 13.87 6.38
N ALA B 302 -23.97 13.50 6.47
CA ALA B 302 -23.12 13.97 7.55
C ALA B 302 -23.02 15.49 7.53
N GLY B 303 -22.91 16.10 6.37
CA GLY B 303 -22.86 17.54 6.28
C GLY B 303 -24.12 18.24 6.66
N VAL B 304 -25.23 17.76 6.12
CA VAL B 304 -26.51 18.44 6.36
C VAL B 304 -26.93 18.24 7.81
N LYS B 305 -26.65 17.08 8.40
CA LYS B 305 -26.99 16.87 9.81
C LYS B 305 -26.22 17.87 10.67
N ALA B 306 -24.96 18.11 10.33
CA ALA B 306 -24.10 18.96 11.16
C ALA B 306 -24.59 20.38 11.22
N VAL B 307 -25.32 20.83 10.21
CA VAL B 307 -25.91 22.17 10.17
C VAL B 307 -27.42 22.16 10.37
N GLY B 308 -27.97 21.02 10.75
CA GLY B 308 -29.39 20.96 11.05
C GLY B 308 -30.28 21.28 9.87
N GLY B 309 -29.80 20.96 8.69
CA GLY B 309 -30.55 21.24 7.47
C GLY B 309 -30.33 22.62 6.89
N ASP B 310 -29.61 23.49 7.59
CA ASP B 310 -29.42 24.88 7.13
C ASP B 310 -28.21 25.00 6.23
N VAL B 311 -28.42 24.88 4.92
CA VAL B 311 -27.30 24.84 4.04
C VAL B 311 -26.73 26.23 3.81
N ALA B 312 -27.38 27.28 4.36
CA ALA B 312 -26.73 28.60 4.36
C ALA B 312 -25.45 28.60 5.21
N LYS B 313 -25.32 27.64 6.12
CA LYS B 313 -24.12 27.45 6.93
C LYS B 313 -23.15 26.60 6.11
N ARG B 314 -22.72 27.19 5.02
CA ARG B 314 -21.92 26.47 4.01
C ARG B 314 -20.54 26.05 4.52
N LYS B 315 -19.85 26.94 5.21
CA LYS B 315 -18.52 26.62 5.71
C LYS B 315 -18.61 25.43 6.67
N GLU B 316 -19.63 25.43 7.54
CA GLU B 316 -19.78 24.37 8.52
C GLU B 316 -20.16 23.06 7.85
N LEU B 317 -21.00 23.13 6.84
CA LEU B 317 -21.40 21.95 6.10
C LEU B 317 -20.22 21.31 5.44
N ASN B 318 -19.43 22.11 4.74
CA ASN B 318 -18.24 21.58 4.10
C ASN B 318 -17.24 21.02 5.12
N ALA B 319 -17.06 21.69 6.25
CA ALA B 319 -16.10 21.20 7.24
C ALA B 319 -16.56 19.87 7.81
N ALA B 320 -17.86 19.73 8.03
CA ALA B 320 -18.39 18.46 8.53
C ALA B 320 -18.19 17.33 7.56
N MSE B 321 -18.35 17.58 6.27
CA MSE B 321 -18.08 16.51 5.31
C MSE B 321 -16.60 16.18 5.30
O MSE B 321 -16.23 15.01 5.24
CB MSE B 321 -18.57 16.95 3.95
CG MSE B 321 -20.08 17.06 3.86
SE MSE B 321 -20.86 16.93 2.13
CE MSE B 321 -20.20 18.52 1.53
N ALA B 322 -15.71 17.16 5.42
CA ALA B 322 -14.27 16.83 5.41
C ALA B 322 -13.93 15.94 6.55
N ALA B 323 -14.61 16.12 7.69
CA ALA B 323 -14.32 15.35 8.89
C ALA B 323 -15.16 14.07 9.05
N ALA B 324 -16.01 13.78 8.06
CA ALA B 324 -16.94 12.68 8.20
C ALA B 324 -16.25 11.33 8.35
N SER B 325 -16.88 10.49 9.13
CA SER B 325 -16.44 9.14 9.40
C SER B 325 -17.71 8.31 9.47
N PHE B 326 -17.83 7.31 8.61
CA PHE B 326 -19.01 6.45 8.64
C PHE B 326 -18.61 5.11 8.02
N ALA B 327 -19.47 4.11 8.20
CA ALA B 327 -19.28 2.79 7.58
C ALA B 327 -19.73 2.79 6.16
N SER B 328 -18.83 2.50 5.24
CA SER B 328 -19.14 2.28 3.83
C SER B 328 -19.34 0.77 3.61
N PRO B 329 -20.06 0.39 2.55
CA PRO B 329 -19.98 -1.01 2.12
C PRO B 329 -18.53 -1.49 1.90
N ARG B 330 -17.62 -0.58 1.63
CA ARG B 330 -16.22 -0.95 1.54
C ARG B 330 -15.54 -1.27 2.86
N GLY B 331 -16.01 -0.67 3.94
CA GLY B 331 -15.23 -0.62 5.17
C GLY B 331 -15.35 0.74 5.76
N PRO B 332 -14.49 1.07 6.72
CA PRO B 332 -14.52 2.42 7.30
C PRO B 332 -14.22 3.46 6.25
N PHE B 333 -15.06 4.48 6.14
CA PHE B 333 -14.86 5.53 5.17
C PHE B 333 -14.18 6.72 5.82
N LYS B 334 -13.13 7.24 5.20
CA LYS B 334 -12.35 8.35 5.70
C LYS B 334 -11.73 9.10 4.56
N LEU B 335 -11.82 10.43 4.59
CA LEU B 335 -11.17 11.28 3.60
C LEU B 335 -9.83 11.78 4.05
N SER B 336 -8.90 11.90 3.10
CA SER B 336 -7.66 12.59 3.32
C SER B 336 -7.89 14.06 3.47
N ALA B 337 -6.85 14.79 3.87
CA ALA B 337 -6.96 16.25 3.93
C ALA B 337 -7.27 16.90 2.59
N ALA B 338 -6.94 16.22 1.49
CA ALA B 338 -7.28 16.68 0.16
C ALA B 338 -8.66 16.24 -0.32
N HIS B 339 -9.34 15.45 0.51
CA HIS B 339 -10.70 15.01 0.30
C HIS B 339 -10.85 13.83 -0.68
N ASN B 340 -9.90 12.93 -0.66
CA ASN B 340 -9.96 11.67 -1.45
C ASN B 340 -10.08 10.53 -0.46
N PRO B 341 -10.73 9.42 -0.81
CA PRO B 341 -10.85 8.33 0.17
C PRO B 341 -9.53 7.69 0.45
N VAL B 342 -9.33 7.36 1.73
CA VAL B 342 -8.23 6.53 2.17
C VAL B 342 -8.78 5.14 2.39
N GLN B 343 -8.31 4.18 1.61
CA GLN B 343 -9.01 2.91 1.51
C GLN B 343 -8.13 1.81 0.94
N ASN B 344 -8.51 0.59 1.27
CA ASN B 344 -7.87 -0.61 0.71
C ASN B 344 -8.22 -0.82 -0.78
N PHE B 345 -7.32 -1.48 -1.49
CA PHE B 345 -7.62 -2.02 -2.82
C PHE B 345 -7.40 -3.52 -2.76
N TYR B 346 -8.32 -4.28 -3.32
CA TYR B 346 -8.32 -5.73 -3.32
C TYR B 346 -8.00 -6.30 -4.69
N LEU B 347 -7.34 -7.45 -4.67
CA LEU B 347 -7.16 -8.27 -5.85
C LEU B 347 -8.43 -9.10 -5.98
N ARG B 348 -8.92 -9.23 -7.22
CA ARG B 348 -10.16 -9.91 -7.53
C ARG B 348 -10.02 -10.76 -8.77
N GLU B 349 -10.90 -11.76 -8.87
CA GLU B 349 -11.02 -12.52 -10.09
C GLU B 349 -12.48 -12.64 -10.43
N LEU B 350 -12.80 -12.48 -11.71
CA LEU B 350 -14.14 -12.71 -12.20
C LEU B 350 -14.34 -14.22 -12.39
N LYS B 351 -15.29 -14.78 -11.64
CA LYS B 351 -15.59 -16.19 -11.66
C LYS B 351 -17.07 -16.44 -11.41
N GLY B 352 -17.74 -17.10 -12.34
CA GLY B 352 -19.12 -17.45 -12.16
C GLY B 352 -20.08 -16.28 -12.09
N GLY B 353 -19.77 -15.22 -12.81
CA GLY B 353 -20.68 -14.09 -12.91
C GLY B 353 -20.54 -13.05 -11.83
N LYS B 354 -19.47 -13.09 -11.05
CA LYS B 354 -19.18 -12.05 -10.05
C LYS B 354 -17.69 -12.05 -9.79
N SER B 355 -17.19 -10.94 -9.31
CA SER B 355 -15.80 -10.87 -8.86
C SER B 355 -15.73 -11.38 -7.44
N VAL B 356 -14.72 -12.21 -7.17
CA VAL B 356 -14.43 -12.68 -5.82
C VAL B 356 -13.14 -12.11 -5.31
N ASN B 357 -13.05 -11.97 -4.00
CA ASN B 357 -11.90 -11.37 -3.36
C ASN B 357 -10.76 -12.38 -3.24
N LEU B 358 -9.61 -12.04 -3.82
CA LEU B 358 -8.41 -12.87 -3.72
C LEU B 358 -7.45 -12.32 -2.65
N GLY B 359 -7.82 -11.23 -2.03
CA GLY B 359 -7.05 -10.68 -0.90
C GLY B 359 -6.64 -9.24 -1.09
N LEU B 360 -6.15 -8.65 -0.03
CA LEU B 360 -5.71 -7.29 -0.06
C LEU B 360 -4.56 -7.10 -1.01
N ALA B 361 -4.65 -6.12 -1.90
CA ALA B 361 -3.55 -5.77 -2.82
C ALA B 361 -2.74 -4.58 -2.30
N ALA B 362 -3.44 -3.50 -1.94
CA ALA B 362 -2.78 -2.29 -1.46
C ALA B 362 -3.53 -1.81 -0.23
N PRO B 363 -2.87 -1.82 0.93
CA PRO B 363 -3.53 -1.30 2.14
C PRO B 363 -3.79 0.21 2.07
N ALA B 364 -4.81 0.63 2.80
CA ALA B 364 -5.07 2.04 3.00
C ALA B 364 -3.83 2.76 3.56
N VAL B 365 -3.47 3.91 2.99
CA VAL B 365 -2.33 4.72 3.41
C VAL B 365 -2.70 6.17 3.29
N ALA B 366 -1.95 7.01 3.98
CA ALA B 366 -2.09 8.47 3.84
C ALA B 366 -1.88 8.96 2.38
N ASP B 367 -2.47 10.11 2.07
CA ASP B 367 -2.54 10.69 0.72
C ASP B 367 -1.51 11.84 0.63
N GLU B 368 -0.42 11.67 -0.12
CA GLU B 368 0.55 12.78 -0.32
C GLU B 368 -0.09 14.04 -0.96
N ALA B 369 -1.01 13.81 -1.89
CA ALA B 369 -1.71 14.86 -2.62
C ALA B 369 -0.80 16.00 -3.05
N ILE B 370 0.22 15.68 -3.85
CA ILE B 370 1.12 16.70 -4.39
C ILE B 370 0.34 17.72 -5.19
N GLY B 371 0.56 18.97 -4.85
CA GLY B 371 -0.12 20.03 -5.55
C GLY B 371 -1.34 20.52 -4.79
N CYS B 372 -1.84 19.76 -3.80
CA CYS B 372 -2.99 20.25 -3.04
C CYS B 372 -2.52 21.24 -2.00
N LYS B 373 -2.90 22.50 -2.21
CA LYS B 373 -2.64 23.57 -1.27
C LYS B 373 -3.94 23.83 -0.56
N LEU B 374 -3.97 23.55 0.72
CA LEU B 374 -5.18 23.72 1.50
C LEU B 374 -5.52 25.21 1.70
S SO4 C . -3.84 12.21 4.97
O1 SO4 C . -4.62 11.10 4.39
O2 SO4 C . -4.50 13.53 4.92
O3 SO4 C . -3.27 11.96 6.30
O4 SO4 C . -2.73 12.27 4.04
S SO4 D . 33.65 -2.23 9.65
O1 SO4 D . 32.79 -3.34 9.22
O2 SO4 D . 33.23 -1.03 8.96
O3 SO4 D . 33.39 -2.00 11.07
O4 SO4 D . 35.08 -2.52 9.52
S SO4 E . 34.49 -8.28 -14.17
O1 SO4 E . 33.54 -7.26 -14.66
O2 SO4 E . 33.77 -9.56 -14.21
O3 SO4 E . 34.96 -7.95 -12.83
O4 SO4 E . 35.66 -8.32 -15.07
S SO4 F . 8.53 -22.80 -9.44
O1 SO4 F . 7.87 -23.52 -10.53
O2 SO4 F . 8.80 -21.42 -9.79
O3 SO4 F . 9.81 -23.44 -9.13
O4 SO4 F . 7.72 -22.85 -8.21
C ACT G . 10.41 -0.93 -5.74
O ACT G . 10.13 -1.28 -6.92
OXT ACT G . 9.76 -1.41 -4.76
CH3 ACT G . 11.48 0.08 -5.51
C1' PHB H . 17.83 -2.58 3.62
O1' PHB H . 17.68 -1.94 2.55
O2' PHB H . 18.49 -2.10 4.63
C1 PHB H . 17.26 -3.92 3.82
C2 PHB H . 16.15 -4.32 3.06
C3 PHB H . 15.63 -5.59 3.24
C4 PHB H . 16.20 -6.44 4.13
C5 PHB H . 17.28 -6.07 4.90
C6 PHB H . 17.79 -4.82 4.72
O4 PHB H . 15.70 -7.68 4.30
C1 GOL I . 19.57 -24.84 -2.09
O1 GOL I . 20.15 -24.70 -3.35
C2 GOL I . 20.63 -25.25 -1.10
O2 GOL I . 20.57 -26.63 -0.93
C3 GOL I . 21.95 -24.78 -1.67
O3 GOL I . 22.73 -24.56 -0.56
C1 EDO J . 19.79 3.84 -2.68
O1 EDO J . 19.09 3.26 -3.80
C2 EDO J . 20.75 2.91 -1.97
O2 EDO J . 21.88 2.87 -2.84
S SO4 K . 2.28 9.19 -8.86
O1 SO4 K . 1.39 8.36 -9.66
O2 SO4 K . 1.49 10.15 -8.11
O3 SO4 K . 3.30 9.87 -9.66
O4 SO4 K . 3.00 8.29 -7.95
C1' PHB L . -13.35 8.37 -15.44
O1' PHB L . -13.47 8.96 -16.55
O2' PHB L . -12.75 8.93 -14.43
C1 PHB L . -13.86 7.02 -15.20
C2 PHB L . -14.95 6.57 -15.98
C3 PHB L . -15.45 5.31 -15.77
C4 PHB L . -14.90 4.48 -14.80
C5 PHB L . -13.82 4.91 -14.05
C6 PHB L . -13.32 6.18 -14.25
O4 PHB L . -15.35 3.21 -14.62
C ACT M . -18.24 -4.60 10.35
O ACT M . -18.51 -3.39 10.22
OXT ACT M . -19.22 -5.34 10.48
CH3 ACT M . -16.83 -5.12 10.29
C1 GOL N . -10.97 -13.90 -20.48
O1 GOL N . -10.32 -13.81 -21.72
C2 GOL N . -9.91 -14.22 -19.46
O2 GOL N . -9.88 -15.60 -19.20
C3 GOL N . -8.55 -13.78 -20.00
O3 GOL N . -7.86 -13.50 -18.85
C1 EDO O . -10.68 13.81 -21.16
O1 EDO O . -9.34 13.96 -21.66
C2 EDO O . -11.59 14.63 -22.07
O2 EDO O . -11.97 13.99 -23.32
#